data_9JMB
#
_entry.id   9JMB
#
loop_
_entity.id
_entity.type
_entity.pdbx_description
1 polymer 'Glycoprotein B'
2 polymer '16F9 VH'
3 polymer '16F9 VL'
#
loop_
_entity_poly.entity_id
_entity_poly.type
_entity_poly.pdbx_seq_one_letter_code
_entity_poly.pdbx_strand_id
1 'polypeptide(L)'
;MRGGGLICALVVGALVAAVASAAPAAPAAPRASGGVAATVAANGGPASRPPPVPSPATTKARKRKTKKPPKRPEATPPPD
ANATVAAGHATLRAHLREIKVENADAQFYVCPPPTGATVVQFEQPRRCPTRPEGQNYTEGIAVVFKENIAPYKFKATMYY
KDVTVSQVWFGHRYSQFMGIFEDRAPVPFEEVIDKINAKGVCRSTAKYVRNNMETTAFHRDDHETDMELKPAKVATRTSR
GWHTTDLKYNPSRVEAFHRYGTTVNCIVEEVDARSVYPYDEFVLATGDFVYMSPFYGYREGSHTEHTSYAADRFKQVDGF
YARDLTTKARATSPTTRNLLTTPKFTVAWDWVPKRPAVCTMTKWQEVDEMLRAEYGGSFRFSSDAISTTFTTNLTEYSLS
RVDLGDCIGRDAREAIDRMFARKYNATHIKVGQPQYYLATGGFLIAYQPLLSNTLAELYVREYMREQDRKPRNATPAPLR
EAPSANASVERIKTTSSIEFARLQFTYNHIQRHVNDMLGRIAVAWCELQNHELTLWNEARKLNPNAIASATVGRRVSARM
LGDVMAVSTCVPVAPDNVIVQNSMRVSSRPGTCYSRPLVSFRYEDQGPLIEGQLGENNELRLTRDALEPCTVGHRRYFIF
GGGYVYFEEYAYSHQLSRADVTTVSTFIDLNITMLEDHEFVPLEVYTRHEIKDSGLLDYTEVQRRNQLHDLRFADIDTVI
RADANAA
;
A
2 'polypeptide(L)'
;MGRLTSSFLLLIVPAYVLSEVQLQQSGPELVKPGASVKISCKASGYTFADYTMHWVKQSHGKSLEWIGYINPYSLFIDSN
QKFKNKATLTVDNSSYTAYMELRSLTSEDSAVYYCARFPPYYGFDSHFDYWGQGTALTVSSAKTTPPSVYPLAPGCGDTT
GSSVTLGCLVKGYFPESVTVTWNSGSLSSSVHTFPALLQSGLYTMSSSVTVPSSTWPSQTVTCSVAHPASSTTVDKKLEP
SGPISTINPCPPCKECHKCPAPNLEGGPSVFIFPPNIKDVLMISLTPKVTCVVVDVSEDDPDVRISWFVNNVEVHTAQTQ
THREDYNSTIRVVSALPIQHQDWMSGKEFKCKVNNKDLPSPIERTISKIKGLVRAPQVYILPPPAEQLSRKDVSLTCLVV
GFNPGDISVEWTSNGHTEENYKDTAPVLDSDGSYFIYSKLDIKTSKWEKTDSFSCNVRHEGLKNYYLKKTISRSPGK
;
H
3 'polypeptide(L)'
;MGWSCIILFLVATATGVHSQIVLSQSPAILSASPGEKVTMTCRASSSVSYIYWYQQKPESSPKPWIYATSNLASGVPGRF
SGSGSGTSYSLTISRVEAEDAATYYCQQWSYNPYTFGGGTKLEIRRADAAPTVSIFPPSSEQLTSGGASVVCFLNNFYPK
DINVKWKIDGSERQNGVLNSWTDQDSKDSTYSMSSTLTLTKDEYERHNSYTCEATHKTSTSPIVKSFNRNEC
;
L
#
# COMPACT_ATOMS: atom_id res chain seq x y z
N ASN A 103 -56.14 -45.68 -45.20
CA ASN A 103 -55.79 -44.62 -44.25
C ASN A 103 -56.64 -44.75 -43.00
N ALA A 104 -56.01 -45.15 -41.88
CA ALA A 104 -56.74 -45.43 -40.66
C ALA A 104 -56.08 -44.86 -39.42
N ASP A 105 -55.14 -43.93 -39.59
CA ASP A 105 -54.48 -43.33 -38.43
C ASP A 105 -55.34 -42.28 -37.73
N ALA A 106 -56.45 -41.88 -38.33
CA ALA A 106 -57.36 -40.90 -37.75
C ALA A 106 -58.68 -41.57 -37.39
N GLN A 107 -59.26 -41.15 -36.26
CA GLN A 107 -60.55 -41.67 -35.81
C GLN A 107 -61.69 -40.91 -36.47
N PHE A 108 -62.89 -41.14 -35.97
CA PHE A 108 -64.09 -40.41 -36.34
C PHE A 108 -64.82 -40.05 -35.05
N TYR A 109 -65.74 -39.10 -35.11
CA TYR A 109 -66.35 -38.59 -33.88
C TYR A 109 -67.83 -38.28 -34.10
N VAL A 110 -68.62 -38.55 -33.06
CA VAL A 110 -70.03 -38.18 -33.00
C VAL A 110 -70.34 -37.60 -31.63
N CYS A 111 -70.63 -36.29 -31.56
CA CYS A 111 -71.23 -35.64 -30.40
C CYS A 111 -72.61 -35.09 -30.74
N PRO A 112 -73.55 -35.14 -29.80
CA PRO A 112 -74.91 -34.60 -30.02
C PRO A 112 -74.92 -33.08 -30.12
N PRO A 113 -76.09 -32.46 -30.28
CA PRO A 113 -76.16 -31.02 -30.04
C PRO A 113 -75.76 -30.67 -28.62
N PRO A 114 -74.89 -29.69 -28.44
CA PRO A 114 -74.48 -29.25 -27.09
C PRO A 114 -75.62 -28.52 -26.41
N THR A 115 -76.18 -29.14 -25.37
CA THR A 115 -77.17 -28.47 -24.53
C THR A 115 -77.00 -29.00 -23.10
N GLY A 116 -76.42 -28.18 -22.25
CA GLY A 116 -76.14 -28.61 -20.91
C GLY A 116 -75.66 -27.49 -20.03
N ALA A 117 -75.28 -27.87 -18.81
CA ALA A 117 -74.78 -26.92 -17.82
C ALA A 117 -73.28 -26.74 -17.90
N THR A 118 -72.59 -27.54 -18.71
CA THR A 118 -71.15 -27.39 -18.92
C THR A 118 -70.92 -26.21 -19.86
N VAL A 119 -70.90 -25.01 -19.29
CA VAL A 119 -70.46 -23.82 -19.98
C VAL A 119 -69.01 -23.56 -19.57
N VAL A 120 -68.26 -22.91 -20.45
CA VAL A 120 -66.86 -22.58 -20.18
C VAL A 120 -66.56 -21.21 -20.77
N GLN A 121 -65.71 -20.45 -20.11
CA GLN A 121 -65.26 -19.15 -20.56
C GLN A 121 -63.75 -19.16 -20.78
N PHE A 122 -63.31 -18.27 -21.65
CA PHE A 122 -61.88 -18.04 -21.84
C PHE A 122 -61.35 -17.22 -20.67
N GLU A 123 -60.09 -17.46 -20.35
CA GLU A 123 -59.41 -16.63 -19.37
C GLU A 123 -59.18 -15.23 -19.93
N GLN A 124 -59.45 -14.25 -19.10
CA GLN A 124 -59.26 -12.84 -19.37
C GLN A 124 -57.78 -12.50 -19.38
N PRO A 125 -57.37 -11.32 -19.89
CA PRO A 125 -55.95 -10.99 -19.97
C PRO A 125 -55.25 -10.93 -18.61
N ARG A 126 -54.05 -11.49 -18.57
CA ARG A 126 -53.22 -11.52 -17.38
C ARG A 126 -52.45 -10.22 -17.24
N ARG A 127 -52.02 -9.96 -16.02
CA ARG A 127 -51.21 -8.78 -15.73
C ARG A 127 -49.78 -9.06 -16.15
N CYS A 128 -49.30 -8.33 -17.15
CA CYS A 128 -47.98 -8.58 -17.68
C CYS A 128 -46.91 -8.08 -16.70
N PRO A 129 -45.76 -8.75 -16.63
CA PRO A 129 -44.75 -8.35 -15.66
C PRO A 129 -44.12 -7.01 -16.00
N THR A 130 -43.75 -6.29 -14.96
CA THR A 130 -43.03 -5.03 -15.10
C THR A 130 -41.57 -5.36 -15.29
N ARG A 131 -40.92 -4.65 -16.19
CA ARG A 131 -39.49 -4.78 -16.38
C ARG A 131 -38.74 -4.38 -15.11
N PRO A 132 -37.62 -5.03 -14.79
CA PRO A 132 -36.80 -4.54 -13.68
C PRO A 132 -36.23 -3.17 -14.00
N GLU A 133 -36.16 -2.32 -12.97
CA GLU A 133 -35.92 -0.90 -13.14
C GLU A 133 -34.49 -0.63 -13.61
N GLY A 134 -33.53 -1.35 -13.05
CA GLY A 134 -32.16 -1.18 -13.46
C GLY A 134 -31.30 -0.66 -12.33
N GLN A 135 -30.01 -0.97 -12.36
CA GLN A 135 -29.13 -0.54 -11.28
C GLN A 135 -28.73 0.91 -11.48
N ASN A 136 -28.86 1.70 -10.41
CA ASN A 136 -28.34 3.06 -10.37
C ASN A 136 -26.85 3.02 -10.04
N TYR A 137 -26.05 3.66 -10.86
CA TYR A 137 -24.61 3.76 -10.62
C TYR A 137 -24.24 5.15 -10.15
N THR A 138 -23.01 5.26 -9.64
CA THR A 138 -22.36 6.54 -9.40
C THR A 138 -21.07 6.56 -10.20
N GLU A 139 -20.96 7.50 -11.14
CA GLU A 139 -19.71 7.72 -11.83
C GLU A 139 -18.67 8.29 -10.87
N GLY A 140 -17.44 7.80 -10.96
CA GLY A 140 -16.43 8.21 -10.03
C GLY A 140 -15.03 7.82 -10.44
N ILE A 141 -14.07 8.38 -9.72
CA ILE A 141 -12.65 8.14 -9.92
C ILE A 141 -12.12 7.35 -8.73
N ALA A 142 -11.32 6.32 -9.01
CA ALA A 142 -10.79 5.49 -7.94
C ALA A 142 -9.27 5.37 -8.04
N VAL A 143 -8.66 5.08 -6.89
CA VAL A 143 -7.27 4.64 -6.80
C VAL A 143 -7.27 3.42 -5.88
N VAL A 144 -6.73 2.31 -6.35
CA VAL A 144 -6.77 1.05 -5.61
C VAL A 144 -5.38 0.77 -5.03
N PHE A 145 -5.34 0.33 -3.79
CA PHE A 145 -4.10 0.09 -3.07
C PHE A 145 -3.97 -1.38 -2.70
N LYS A 146 -2.74 -1.89 -2.73
CA LYS A 146 -2.41 -3.22 -2.27
C LYS A 146 -1.47 -3.12 -1.08
N GLU A 147 -1.31 -4.23 -0.36
CA GLU A 147 -0.33 -4.32 0.72
C GLU A 147 1.08 -4.20 0.17
N ASN A 148 1.89 -3.34 0.79
CA ASN A 148 3.27 -3.19 0.36
C ASN A 148 4.09 -4.41 0.74
N ILE A 149 4.73 -5.03 -0.25
CA ILE A 149 5.64 -6.13 -0.03
C ILE A 149 7.07 -5.77 -0.38
N ALA A 150 7.30 -4.58 -0.86
CA ALA A 150 8.64 -4.15 -1.22
C ALA A 150 9.39 -3.67 0.02
N PRO A 151 10.69 -3.90 0.10
CA PRO A 151 11.47 -3.34 1.21
C PRO A 151 11.64 -1.84 1.06
N TYR A 152 12.03 -1.21 2.16
CA TYR A 152 12.46 0.17 2.13
C TYR A 152 13.93 0.23 1.73
N LYS A 153 14.21 0.99 0.68
CA LYS A 153 15.52 1.03 0.05
C LYS A 153 16.15 2.39 0.27
N PHE A 154 17.42 2.40 0.68
CA PHE A 154 18.15 3.64 0.89
C PHE A 154 19.64 3.43 0.65
N LYS A 155 20.36 4.53 0.54
CA LYS A 155 21.77 4.52 0.21
C LYS A 155 22.61 4.65 1.46
N ALA A 156 23.74 3.96 1.48
CA ALA A 156 24.64 3.99 2.61
C ALA A 156 26.08 3.93 2.11
N THR A 157 27.02 4.23 2.99
CA THR A 157 28.44 4.12 2.69
C THR A 157 29.15 3.38 3.81
N MET A 158 29.95 2.39 3.45
CA MET A 158 30.70 1.58 4.39
C MET A 158 32.17 2.02 4.40
N TYR A 159 32.75 2.03 5.59
CA TYR A 159 34.14 2.43 5.78
C TYR A 159 34.78 1.37 6.66
N TYR A 160 35.72 0.62 6.12
CA TYR A 160 36.37 -0.42 6.89
C TYR A 160 37.79 -0.60 6.38
N LYS A 161 38.57 -1.35 7.15
CA LYS A 161 39.95 -1.65 6.79
C LYS A 161 40.15 -3.16 6.72
N ASP A 162 40.66 -3.64 5.59
CA ASP A 162 41.07 -5.03 5.45
C ASP A 162 42.45 -5.19 6.08
N VAL A 163 42.49 -5.83 7.25
CA VAL A 163 43.75 -6.11 7.93
C VAL A 163 44.14 -7.54 7.65
N THR A 164 45.33 -7.73 7.11
CA THR A 164 45.81 -9.06 6.77
C THR A 164 47.21 -9.24 7.33
N VAL A 165 47.40 -10.23 8.18
CA VAL A 165 48.71 -10.61 8.68
C VAL A 165 48.99 -12.05 8.30
N SER A 166 50.07 -12.25 7.56
CA SER A 166 50.46 -13.55 7.07
C SER A 166 51.69 -14.07 7.79
N GLN A 167 51.82 -15.40 7.82
CA GLN A 167 52.97 -16.07 8.39
C GLN A 167 53.60 -16.95 7.33
N VAL A 168 54.86 -16.68 7.01
CA VAL A 168 55.56 -17.37 5.95
C VAL A 168 56.74 -18.11 6.58
N TRP A 169 56.90 -19.38 6.25
CA TRP A 169 58.12 -20.09 6.57
C TRP A 169 59.00 -20.14 5.33
N PHE A 170 60.27 -19.89 5.50
CA PHE A 170 61.21 -19.81 4.40
C PHE A 170 62.08 -21.05 4.42
N GLY A 171 61.79 -21.98 3.51
CA GLY A 171 62.59 -23.17 3.37
C GLY A 171 63.84 -22.92 2.56
N HIS A 172 64.46 -24.01 2.13
CA HIS A 172 65.70 -23.89 1.38
C HIS A 172 65.43 -23.46 -0.06
N ARG A 173 64.42 -24.07 -0.69
CA ARG A 173 64.12 -23.84 -2.09
C ARG A 173 62.83 -23.04 -2.25
N TYR A 174 62.03 -22.96 -1.20
CA TYR A 174 60.64 -22.56 -1.34
C TYR A 174 60.24 -21.69 -0.17
N SER A 175 58.98 -21.24 -0.20
CA SER A 175 58.36 -20.46 0.86
C SER A 175 56.93 -20.94 1.01
N GLN A 176 56.46 -21.06 2.24
CA GLN A 176 55.13 -21.59 2.52
C GLN A 176 54.40 -20.70 3.51
N PHE A 177 53.20 -20.27 3.16
CA PHE A 177 52.29 -19.69 4.14
C PHE A 177 51.94 -20.72 5.21
N MET A 178 52.18 -20.35 6.45
CA MET A 178 51.75 -21.12 7.60
C MET A 178 50.41 -20.65 8.15
N GLY A 179 50.02 -19.43 7.85
CA GLY A 179 48.72 -18.92 8.22
C GLY A 179 48.45 -17.55 7.65
N ILE A 180 47.21 -17.27 7.30
CA ILE A 180 46.80 -15.94 6.86
C ILE A 180 45.61 -15.52 7.70
N PHE A 181 45.77 -14.45 8.47
CA PHE A 181 44.71 -13.93 9.34
C PHE A 181 44.08 -12.71 8.70
N GLU A 182 42.79 -12.81 8.38
CA GLU A 182 42.05 -11.74 7.71
C GLU A 182 41.03 -11.17 8.69
N ASP A 183 41.00 -9.85 8.80
CA ASP A 183 40.09 -9.17 9.70
C ASP A 183 39.54 -7.93 9.02
N ARG A 184 38.33 -7.54 9.42
CA ARG A 184 37.72 -6.29 9.01
C ARG A 184 37.57 -5.42 10.24
N ALA A 185 38.30 -4.32 10.28
CA ALA A 185 38.44 -3.23 11.23
C ALA A 185 37.56 -2.06 10.81
N PRO A 186 36.77 -1.51 11.73
CA PRO A 186 36.01 -0.30 11.40
C PRO A 186 36.90 0.93 11.42
N VAL A 187 36.67 1.82 10.48
CA VAL A 187 37.29 3.14 10.54
C VAL A 187 36.68 3.91 11.71
N PRO A 188 37.44 4.65 12.50
CA PRO A 188 36.83 5.42 13.57
C PRO A 188 36.05 6.61 13.02
N PHE A 189 35.16 7.14 13.87
CA PHE A 189 34.36 8.31 13.52
C PHE A 189 35.23 9.50 13.11
N GLU A 190 36.31 9.73 13.85
CA GLU A 190 37.12 10.91 13.62
C GLU A 190 37.93 10.79 12.33
N GLU A 191 38.19 9.57 11.87
CA GLU A 191 38.91 9.41 10.62
C GLU A 191 37.95 9.48 9.43
N VAL A 192 36.67 9.18 9.62
CA VAL A 192 35.70 9.37 8.54
C VAL A 192 35.45 10.86 8.32
N ILE A 193 35.33 11.62 9.41
CA ILE A 193 35.04 13.03 9.29
C ILE A 193 36.28 13.83 8.90
N ASP A 194 37.40 13.59 9.56
CA ASP A 194 38.56 14.48 9.41
C ASP A 194 39.62 13.97 8.45
N LYS A 195 39.51 12.76 7.94
CA LYS A 195 40.49 12.32 6.95
C LYS A 195 39.81 12.01 5.62
N ILE A 196 38.74 11.23 5.65
CA ILE A 196 38.13 10.73 4.42
C ILE A 196 37.20 11.75 3.80
N ASN A 197 36.26 12.32 4.56
CA ASN A 197 35.40 13.37 4.06
C ASN A 197 36.13 14.69 3.90
N ALA A 198 37.23 14.87 4.61
CA ALA A 198 37.98 16.12 4.58
C ALA A 198 39.04 16.18 3.50
N LYS A 199 39.84 15.15 3.35
CA LYS A 199 41.00 15.20 2.46
C LYS A 199 41.04 14.06 1.47
N GLY A 200 40.19 13.04 1.59
CA GLY A 200 40.23 11.91 0.69
C GLY A 200 41.33 10.94 1.05
N VAL A 201 41.79 10.98 2.28
CA VAL A 201 42.90 10.14 2.73
C VAL A 201 42.43 9.28 3.89
N CYS A 202 43.17 8.23 4.13
CA CYS A 202 42.94 7.30 5.22
C CYS A 202 44.31 6.96 5.78
N ARG A 203 44.42 6.82 7.09
CA ARG A 203 45.72 6.54 7.65
C ARG A 203 46.07 5.06 7.56
N SER A 204 47.36 4.77 7.52
CA SER A 204 47.87 3.43 7.28
C SER A 204 47.83 2.53 8.51
N THR A 205 47.23 2.97 9.61
CA THR A 205 47.16 2.19 10.84
C THR A 205 45.70 1.94 11.18
N ALA A 206 45.34 0.68 11.40
CA ALA A 206 44.07 0.32 12.00
C ALA A 206 44.26 0.14 13.50
N LYS A 207 43.43 0.81 14.29
CA LYS A 207 43.40 0.66 15.74
C LYS A 207 41.95 0.46 16.15
N TYR A 208 41.65 -0.68 16.75
CA TYR A 208 40.28 -1.11 16.96
C TYR A 208 40.24 -2.17 18.06
N VAL A 209 39.05 -2.38 18.60
CA VAL A 209 38.82 -3.33 19.67
C VAL A 209 38.32 -4.63 19.04
N ARG A 210 38.93 -5.73 19.40
CA ARG A 210 38.63 -7.05 18.86
C ARG A 210 38.92 -8.10 19.91
N ASN A 211 37.92 -8.97 20.17
CA ASN A 211 37.98 -10.01 21.20
C ASN A 211 38.35 -9.44 22.58
N ASN A 212 37.73 -8.31 22.92
CA ASN A 212 37.90 -7.58 24.16
C ASN A 212 39.33 -7.06 24.36
N MET A 213 40.02 -6.70 23.28
CA MET A 213 41.38 -6.21 23.35
C MET A 213 41.57 -5.14 22.28
N GLU A 214 42.20 -4.03 22.64
CA GLU A 214 42.57 -3.02 21.67
C GLU A 214 43.80 -3.48 20.89
N THR A 215 43.66 -3.60 19.58
CA THR A 215 44.71 -4.13 18.73
C THR A 215 45.06 -3.12 17.65
N THR A 216 46.35 -3.03 17.34
CA THR A 216 46.84 -2.08 16.37
C THR A 216 47.59 -2.83 15.29
N ALA A 217 47.58 -2.27 14.09
CA ALA A 217 48.19 -2.91 12.94
C ALA A 217 48.71 -1.84 12.01
N PHE A 218 49.98 -1.93 11.65
CA PHE A 218 50.63 -0.95 10.78
C PHE A 218 50.80 -1.58 9.41
N HIS A 219 50.46 -0.83 8.37
CA HIS A 219 50.65 -1.32 7.01
C HIS A 219 52.14 -1.41 6.68
N ARG A 220 52.54 -2.58 6.18
CA ARG A 220 53.92 -2.96 5.84
C ARG A 220 54.85 -2.93 7.04
N ASP A 221 54.27 -2.99 8.25
CA ASP A 221 54.95 -2.87 9.53
C ASP A 221 55.82 -1.63 9.61
N ASP A 222 55.35 -0.54 9.01
CA ASP A 222 56.08 0.69 8.84
C ASP A 222 55.38 1.78 9.66
N HIS A 223 55.95 2.98 9.67
CA HIS A 223 55.38 4.09 10.40
C HIS A 223 54.07 4.55 9.76
N GLU A 224 53.28 5.27 10.55
CA GLU A 224 52.00 5.75 10.10
C GLU A 224 52.14 6.86 9.06
N THR A 225 51.38 6.74 7.98
CA THR A 225 51.27 7.79 6.97
C THR A 225 49.83 7.85 6.47
N ASP A 226 49.48 8.97 5.85
CA ASP A 226 48.16 9.15 5.27
C ASP A 226 48.21 8.74 3.80
N MET A 227 47.37 7.80 3.42
CA MET A 227 47.37 7.24 2.08
C MET A 227 46.14 7.69 1.32
N GLU A 228 46.33 7.97 0.03
CA GLU A 228 45.24 8.48 -0.80
C GLU A 228 44.29 7.37 -1.20
N LEU A 229 42.99 7.63 -1.05
CA LEU A 229 41.95 6.76 -1.57
C LEU A 229 41.81 6.96 -3.08
N LYS A 230 41.99 5.88 -3.81
CA LYS A 230 41.90 5.89 -5.29
C LYS A 230 40.77 4.94 -5.66
N PRO A 231 40.13 5.07 -6.83
CA PRO A 231 38.99 4.21 -7.14
C PRO A 231 39.35 2.77 -7.37
N ALA A 232 38.40 1.91 -7.08
CA ALA A 232 38.56 0.48 -7.25
C ALA A 232 38.51 0.10 -8.70
N LYS A 233 38.96 -1.11 -9.00
CA LYS A 233 38.88 -1.63 -10.35
C LYS A 233 37.43 -1.89 -10.69
N VAL A 234 37.04 -1.50 -11.90
CA VAL A 234 35.64 -1.49 -12.28
C VAL A 234 35.15 -2.92 -12.53
N ALA A 235 33.99 -3.22 -11.95
CA ALA A 235 33.23 -4.41 -12.28
C ALA A 235 31.87 -3.97 -12.77
N THR A 236 31.23 -4.83 -13.57
CA THR A 236 29.90 -4.55 -14.07
C THR A 236 28.87 -4.93 -13.02
N ARG A 237 27.83 -4.11 -12.93
CA ARG A 237 26.75 -4.22 -11.95
C ARG A 237 27.31 -4.21 -10.52
N THR A 238 28.22 -3.29 -10.25
CA THR A 238 28.70 -3.00 -8.91
C THR A 238 28.68 -1.51 -8.69
N SER A 239 28.53 -1.11 -7.44
CA SER A 239 28.52 0.29 -7.07
C SER A 239 29.96 0.78 -6.92
N ARG A 240 30.13 2.04 -6.54
CA ARG A 240 31.46 2.63 -6.54
C ARG A 240 32.23 2.24 -5.28
N GLY A 241 33.55 2.18 -5.42
CA GLY A 241 34.41 1.79 -4.31
C GLY A 241 35.76 2.45 -4.42
N TRP A 242 36.43 2.59 -3.27
CA TRP A 242 37.72 3.24 -3.17
C TRP A 242 38.59 2.49 -2.17
N HIS A 243 39.90 2.46 -2.41
CA HIS A 243 40.83 1.77 -1.53
C HIS A 243 42.16 2.52 -1.52
N THR A 244 43.08 2.06 -0.66
CA THR A 244 44.39 2.69 -0.52
C THR A 244 45.56 1.88 -1.04
N THR A 245 45.49 0.55 -1.06
CA THR A 245 46.58 -0.26 -1.54
C THR A 245 46.03 -1.47 -2.27
N ASP A 246 46.79 -1.96 -3.24
CA ASP A 246 46.36 -3.10 -4.03
C ASP A 246 47.28 -4.30 -3.98
N LEU A 247 48.37 -4.25 -3.23
CA LEU A 247 49.27 -5.38 -3.07
C LEU A 247 49.30 -5.79 -1.61
N LYS A 248 49.36 -7.09 -1.36
CA LYS A 248 49.55 -7.57 0.00
C LYS A 248 51.01 -7.46 0.38
N TYR A 249 51.26 -7.26 1.67
CA TYR A 249 52.63 -7.22 2.18
C TYR A 249 52.96 -8.55 2.83
N ASN A 250 53.98 -9.21 2.32
CA ASN A 250 54.52 -10.44 2.85
C ASN A 250 55.97 -10.19 3.27
N PRO A 251 56.43 -10.82 4.35
CA PRO A 251 57.79 -10.52 4.84
C PRO A 251 58.88 -11.05 3.93
N SER A 252 60.03 -10.38 3.97
CA SER A 252 61.17 -10.76 3.16
C SER A 252 61.86 -12.00 3.71
N ARG A 253 62.64 -12.65 2.86
CA ARG A 253 63.14 -13.99 3.14
C ARG A 253 64.33 -13.97 4.08
N VAL A 254 64.16 -14.58 5.24
CA VAL A 254 65.29 -15.01 6.05
C VAL A 254 65.11 -16.51 6.24
N GLU A 255 66.08 -17.28 5.76
CA GLU A 255 65.97 -18.73 5.65
C GLU A 255 65.82 -19.41 7.01
N ALA A 256 64.96 -20.42 7.06
CA ALA A 256 64.68 -21.26 8.23
C ALA A 256 64.07 -20.48 9.39
N PHE A 257 63.44 -19.35 9.12
CA PHE A 257 62.68 -18.62 10.13
C PHE A 257 61.22 -18.52 9.72
N HIS A 258 60.36 -18.32 10.71
CA HIS A 258 58.97 -17.88 10.53
C HIS A 258 58.95 -16.37 10.63
N ARG A 259 58.35 -15.70 9.65
CA ARG A 259 58.22 -14.26 9.70
C ARG A 259 56.77 -13.84 9.48
N TYR A 260 56.44 -12.62 9.89
CA TYR A 260 55.09 -12.08 9.88
C TYR A 260 55.06 -10.76 9.11
N GLY A 261 53.95 -10.50 8.42
CA GLY A 261 53.79 -9.27 7.68
C GLY A 261 52.37 -8.78 7.65
N THR A 262 52.13 -7.51 7.92
CA THR A 262 50.80 -6.95 8.06
C THR A 262 50.46 -6.07 6.87
N THR A 263 49.24 -6.19 6.37
CA THR A 263 48.71 -5.37 5.29
C THR A 263 47.44 -4.66 5.79
N VAL A 264 47.36 -3.36 5.59
CA VAL A 264 46.19 -2.57 5.93
C VAL A 264 45.68 -1.89 4.67
N ASN A 265 44.47 -2.24 4.27
CA ASN A 265 43.82 -1.67 3.09
C ASN A 265 42.53 -0.99 3.54
N CYS A 266 42.47 0.33 3.41
CA CYS A 266 41.28 1.09 3.81
C CYS A 266 40.29 1.15 2.65
N ILE A 267 39.16 0.47 2.78
CA ILE A 267 38.14 0.39 1.72
C ILE A 267 36.96 1.28 2.09
N VAL A 268 36.47 2.05 1.11
CA VAL A 268 35.23 2.82 1.21
C VAL A 268 34.30 2.30 0.10
N GLU A 269 33.08 1.90 0.46
CA GLU A 269 32.14 1.37 -0.51
C GLU A 269 30.76 2.01 -0.37
N GLU A 270 30.16 2.38 -1.50
CA GLU A 270 28.75 2.74 -1.52
C GLU A 270 27.91 1.48 -1.72
N VAL A 271 26.90 1.29 -0.87
CA VAL A 271 26.07 0.09 -0.91
C VAL A 271 24.59 0.47 -0.81
N ASP A 272 23.75 -0.43 -1.29
CA ASP A 272 22.31 -0.30 -1.16
C ASP A 272 21.85 -0.99 0.12
N ALA A 273 20.95 -0.34 0.83
CA ALA A 273 20.48 -0.84 2.11
C ALA A 273 18.98 -1.09 2.08
N ARG A 274 18.56 -2.21 2.64
CA ARG A 274 17.19 -2.66 2.57
C ARG A 274 16.67 -2.91 3.97
N SER A 275 15.43 -2.51 4.22
CA SER A 275 14.79 -2.74 5.49
C SER A 275 13.34 -3.15 5.26
N VAL A 276 12.84 -4.00 6.14
CA VAL A 276 11.48 -4.52 6.07
C VAL A 276 10.79 -4.18 7.40
N TYR A 277 9.46 -4.11 7.35
CA TYR A 277 8.63 -3.73 8.50
C TYR A 277 8.87 -4.69 9.66
N PRO A 278 8.93 -4.20 10.91
CA PRO A 278 8.69 -2.87 11.49
C PRO A 278 9.83 -1.87 11.39
N TYR A 279 10.81 -2.12 10.52
CA TYR A 279 11.93 -1.22 10.23
C TYR A 279 12.80 -1.02 11.47
N ASP A 280 13.08 -2.11 12.17
CA ASP A 280 13.95 -2.11 13.34
C ASP A 280 15.39 -2.43 12.98
N GLU A 281 15.65 -2.88 11.76
CA GLU A 281 16.93 -3.41 11.33
C GLU A 281 17.11 -3.01 9.87
N PHE A 282 18.33 -3.11 9.37
CA PHE A 282 18.52 -3.11 7.94
C PHE A 282 19.74 -3.95 7.59
N VAL A 283 19.79 -4.36 6.33
CA VAL A 283 20.87 -5.17 5.80
C VAL A 283 21.47 -4.41 4.61
N LEU A 284 22.77 -4.59 4.42
CA LEU A 284 23.50 -3.95 3.33
C LEU A 284 23.66 -4.92 2.17
N ALA A 285 24.22 -4.41 1.07
CA ALA A 285 24.43 -5.23 -0.12
C ALA A 285 25.54 -6.25 0.05
N THR A 286 26.40 -6.08 1.04
CA THR A 286 27.46 -7.01 1.37
C THR A 286 26.92 -8.29 2.01
N GLY A 287 25.73 -8.23 2.60
CA GLY A 287 25.20 -9.29 3.41
C GLY A 287 25.28 -9.03 4.89
N ASP A 288 25.63 -7.81 5.29
CA ASP A 288 25.85 -7.46 6.68
C ASP A 288 24.58 -6.84 7.26
N PHE A 289 24.04 -7.47 8.30
CA PHE A 289 22.95 -6.89 9.07
C PHE A 289 23.44 -5.76 9.96
N VAL A 290 22.59 -4.76 10.14
CA VAL A 290 22.80 -3.67 11.08
C VAL A 290 21.58 -3.63 11.99
N TYR A 291 21.80 -3.84 13.28
CA TYR A 291 20.68 -4.03 14.21
C TYR A 291 20.30 -2.69 14.86
N MET A 292 19.94 -1.78 13.99
CA MET A 292 19.46 -0.45 14.31
C MET A 292 18.40 -0.11 13.27
N SER A 293 17.38 0.60 13.70
CA SER A 293 16.42 1.19 12.76
C SER A 293 17.12 2.16 11.82
N PRO A 294 16.71 2.20 10.54
CA PRO A 294 17.20 3.26 9.65
C PRO A 294 16.80 4.65 10.07
N PHE A 295 15.79 4.77 10.91
CA PHE A 295 15.23 6.05 11.30
C PHE A 295 15.64 6.46 12.70
N TYR A 296 16.59 5.75 13.30
CA TYR A 296 17.08 6.08 14.62
C TYR A 296 17.88 7.38 14.62
N GLY A 297 17.81 8.10 15.73
CA GLY A 297 18.63 9.28 15.91
C GLY A 297 18.43 9.82 17.30
N TYR A 298 19.24 10.82 17.63
CA TYR A 298 19.12 11.46 18.93
C TYR A 298 18.14 12.61 18.95
N ARG A 299 17.72 13.09 17.78
CA ARG A 299 16.95 14.32 17.71
C ARG A 299 15.62 14.04 17.04
N GLU A 300 14.70 14.99 17.20
CA GLU A 300 13.37 15.02 16.59
C GLU A 300 12.50 13.84 16.97
N GLY A 301 12.69 13.27 18.15
CA GLY A 301 11.88 12.18 18.60
C GLY A 301 12.30 10.81 18.10
N SER A 302 13.39 10.72 17.34
CA SER A 302 13.83 9.48 16.73
C SER A 302 14.44 8.50 17.71
N HIS A 303 14.62 8.88 18.96
CA HIS A 303 15.28 8.03 19.96
C HIS A 303 14.40 6.90 20.47
N THR A 304 13.15 6.85 20.06
CA THR A 304 12.26 5.75 20.38
C THR A 304 12.51 4.54 19.50
N GLU A 305 13.13 4.73 18.34
CA GLU A 305 13.44 3.67 17.40
C GLU A 305 14.46 2.69 17.98
N HIS A 306 14.53 1.51 17.37
CA HIS A 306 15.36 0.45 17.93
C HIS A 306 16.83 0.67 17.68
N THR A 307 17.62 0.40 18.70
CA THR A 307 19.06 0.22 18.61
C THR A 307 19.42 -0.90 19.57
N SER A 308 20.39 -1.72 19.17
CA SER A 308 20.98 -2.68 20.08
C SER A 308 22.48 -2.47 20.23
N TYR A 309 22.92 -1.24 20.03
CA TYR A 309 24.33 -0.87 20.16
C TYR A 309 24.46 0.13 21.28
N ALA A 310 25.64 0.17 21.87
CA ALA A 310 25.94 1.14 22.90
C ALA A 310 25.96 2.54 22.30
N ALA A 311 25.78 3.54 23.16
CA ALA A 311 25.57 4.89 22.67
C ALA A 311 26.84 5.52 22.13
N ASP A 312 28.00 5.00 22.53
CA ASP A 312 29.25 5.51 21.99
C ASP A 312 29.52 5.03 20.58
N ARG A 313 28.74 4.08 20.07
CA ARG A 313 28.88 3.64 18.70
C ARG A 313 28.12 4.51 17.71
N PHE A 314 27.23 5.38 18.17
CA PHE A 314 26.38 6.14 17.27
C PHE A 314 26.58 7.64 17.48
N LYS A 315 26.86 8.34 16.40
CA LYS A 315 26.93 9.79 16.37
C LYS A 315 26.14 10.30 15.18
N GLN A 316 25.69 11.54 15.27
CA GLN A 316 25.00 12.25 14.19
C GLN A 316 25.71 13.55 13.89
N VAL A 317 25.82 13.89 12.61
CA VAL A 317 26.48 15.11 12.16
C VAL A 317 25.45 15.96 11.43
N ASP A 318 25.07 17.08 12.03
CA ASP A 318 24.21 18.01 11.34
C ASP A 318 25.06 19.01 10.56
N GLY A 319 24.55 19.41 9.41
CA GLY A 319 25.32 20.27 8.53
C GLY A 319 26.45 19.55 7.84
N PHE A 320 26.23 18.30 7.44
CA PHE A 320 27.25 17.48 6.80
C PHE A 320 27.29 17.81 5.33
N TYR A 321 28.49 18.10 4.82
CA TYR A 321 28.72 18.33 3.40
C TYR A 321 29.57 17.20 2.85
N ALA A 322 28.98 16.35 2.04
CA ALA A 322 29.72 15.22 1.48
C ALA A 322 30.68 15.68 0.41
N ARG A 323 31.89 15.15 0.46
CA ARG A 323 32.89 15.41 -0.56
C ARG A 323 33.02 14.13 -1.38
N ASP A 324 32.82 14.25 -2.69
CA ASP A 324 32.90 13.09 -3.58
C ASP A 324 34.34 12.63 -3.67
N LEU A 325 34.55 11.32 -3.61
CA LEU A 325 35.91 10.83 -3.54
C LEU A 325 36.60 10.80 -4.89
N THR A 326 35.83 10.81 -5.98
CA THR A 326 36.43 10.87 -7.31
C THR A 326 36.56 12.31 -7.81
N THR A 327 35.48 13.07 -7.75
CA THR A 327 35.46 14.43 -8.27
C THR A 327 36.23 15.40 -7.38
N LYS A 328 36.45 15.03 -6.11
CA LYS A 328 37.00 15.88 -5.05
C LYS A 328 36.15 17.14 -4.84
N ALA A 329 34.84 17.01 -5.01
CA ALA A 329 33.92 18.14 -4.98
C ALA A 329 33.03 18.04 -3.75
N ARG A 330 32.96 19.12 -2.98
CA ARG A 330 32.12 19.16 -1.81
C ARG A 330 30.70 19.50 -2.21
N ALA A 331 29.73 18.89 -1.54
CA ALA A 331 28.33 19.09 -1.88
C ALA A 331 27.89 20.49 -1.47
N THR A 332 26.83 20.96 -2.11
CA THR A 332 26.38 22.32 -1.85
C THR A 332 25.27 22.38 -0.80
N SER A 333 24.53 21.31 -0.63
CA SER A 333 23.48 21.30 0.37
C SER A 333 23.87 20.42 1.55
N PRO A 334 23.53 20.81 2.78
CA PRO A 334 23.88 19.99 3.93
C PRO A 334 22.88 18.86 4.14
N THR A 335 23.27 17.92 5.00
CA THR A 335 22.39 16.83 5.37
C THR A 335 22.74 16.39 6.79
N THR A 336 21.86 15.59 7.37
CA THR A 336 22.15 14.99 8.68
C THR A 336 22.58 13.54 8.46
N ARG A 337 23.81 13.21 8.86
CA ARG A 337 24.37 11.88 8.69
C ARG A 337 24.35 11.10 9.98
N ASN A 338 23.86 9.87 9.91
CA ASN A 338 24.02 8.91 10.98
C ASN A 338 25.33 8.17 10.75
N LEU A 339 26.18 8.07 11.77
CA LEU A 339 27.38 7.24 11.66
C LEU A 339 27.39 6.24 12.79
N LEU A 340 27.38 4.96 12.42
CA LEU A 340 27.36 3.85 13.38
C LEU A 340 28.59 3.00 13.18
N THR A 341 29.45 2.92 14.19
CA THR A 341 30.56 1.99 14.16
C THR A 341 30.10 0.67 14.78
N THR A 342 30.26 -0.40 14.02
CA THR A 342 29.99 -1.79 14.37
C THR A 342 31.34 -2.44 14.67
N PRO A 343 31.43 -3.71 15.11
CA PRO A 343 32.76 -4.32 15.28
C PRO A 343 33.51 -4.62 13.99
N LYS A 344 32.89 -4.53 12.82
CA LYS A 344 33.58 -4.83 11.57
C LYS A 344 33.66 -3.65 10.61
N PHE A 345 32.77 -2.67 10.71
CA PHE A 345 32.70 -1.57 9.75
C PHE A 345 31.99 -0.40 10.41
N THR A 346 32.14 0.78 9.82
CA THR A 346 31.30 1.92 10.16
C THR A 346 30.46 2.28 8.94
N VAL A 347 29.15 2.40 9.14
CA VAL A 347 28.21 2.77 8.09
C VAL A 347 27.70 4.17 8.31
N ALA A 348 27.41 4.83 7.21
CA ALA A 348 26.88 6.18 7.21
C ALA A 348 25.68 6.25 6.29
N TRP A 349 24.67 7.02 6.70
CA TRP A 349 23.48 7.24 5.88
C TRP A 349 22.84 8.54 6.31
N ASP A 350 21.94 9.04 5.47
CA ASP A 350 21.21 10.26 5.75
C ASP A 350 20.06 9.96 6.71
N TRP A 351 19.89 10.82 7.69
CA TRP A 351 18.70 10.76 8.51
C TRP A 351 17.52 11.40 7.78
N VAL A 352 16.39 10.71 7.78
CA VAL A 352 15.13 11.22 7.26
C VAL A 352 14.05 10.93 8.29
N PRO A 353 12.94 11.66 8.31
CA PRO A 353 11.82 11.25 9.16
C PRO A 353 11.11 10.01 8.62
N LYS A 354 10.55 9.23 9.54
CA LYS A 354 10.05 7.91 9.20
C LYS A 354 8.73 7.96 8.44
N ARG A 355 7.89 8.98 8.70
CA ARG A 355 6.52 8.95 8.18
C ARG A 355 6.45 9.20 6.68
N PRO A 356 7.08 10.23 6.09
CA PRO A 356 6.99 10.36 4.63
C PRO A 356 7.92 9.44 3.85
N ALA A 357 8.57 8.46 4.47
CA ALA A 357 9.46 7.55 3.76
C ALA A 357 8.90 6.15 3.62
N VAL A 358 8.06 5.74 4.53
CA VAL A 358 7.58 4.38 4.68
C VAL A 358 6.08 4.34 4.50
N CYS A 359 5.59 3.35 3.75
CA CYS A 359 4.16 3.10 3.72
C CYS A 359 3.89 1.60 3.70
N THR A 360 2.82 1.22 4.39
CA THR A 360 2.29 -0.12 4.48
C THR A 360 1.48 -0.52 3.24
N MET A 361 0.95 0.44 2.51
CA MET A 361 0.22 0.18 1.29
C MET A 361 1.01 0.73 0.13
N THR A 362 0.68 0.28 -1.06
CA THR A 362 1.26 0.82 -2.26
C THR A 362 0.20 0.91 -3.34
N LYS A 363 0.27 1.98 -4.11
CA LYS A 363 -0.68 2.22 -5.18
C LYS A 363 -0.53 1.22 -6.30
N TRP A 364 -1.64 0.62 -6.71
CA TRP A 364 -1.65 -0.43 -7.70
C TRP A 364 -2.33 -0.03 -9.01
N GLN A 365 -3.57 0.45 -8.95
CA GLN A 365 -4.32 0.80 -10.15
C GLN A 365 -4.98 2.16 -10.00
N GLU A 366 -4.90 2.95 -11.07
CA GLU A 366 -5.59 4.23 -11.16
C GLU A 366 -6.75 4.08 -12.13
N VAL A 367 -7.97 4.10 -11.62
CA VAL A 367 -9.16 3.85 -12.40
C VAL A 367 -9.87 5.18 -12.64
N ASP A 368 -9.91 5.60 -13.90
CA ASP A 368 -10.55 6.86 -14.24
C ASP A 368 -12.08 6.73 -14.21
N GLU A 369 -12.61 5.59 -14.64
CA GLU A 369 -14.05 5.34 -14.64
C GLU A 369 -14.36 4.20 -13.70
N MET A 370 -14.72 4.51 -12.46
CA MET A 370 -15.13 3.51 -11.50
C MET A 370 -16.59 3.74 -11.17
N LEU A 371 -17.42 2.74 -11.42
CA LEU A 371 -18.85 2.82 -11.19
C LEU A 371 -19.15 2.21 -9.83
N ARG A 372 -20.00 2.88 -9.06
CA ARG A 372 -20.38 2.41 -7.74
C ARG A 372 -21.87 2.11 -7.70
N ALA A 373 -22.21 0.90 -7.31
CA ALA A 373 -23.59 0.46 -7.20
C ALA A 373 -23.84 -0.04 -5.79
N GLU A 374 -25.00 0.29 -5.25
CA GLU A 374 -25.40 -0.13 -3.93
C GLU A 374 -26.60 -1.07 -4.03
N TYR A 375 -26.40 -2.32 -3.65
CA TYR A 375 -27.50 -3.25 -3.46
C TYR A 375 -27.09 -4.34 -2.50
N GLY A 376 -28.05 -4.80 -1.70
CA GLY A 376 -27.80 -5.90 -0.80
C GLY A 376 -26.97 -5.57 0.40
N GLY A 377 -26.87 -4.29 0.75
CA GLY A 377 -26.08 -3.90 1.90
C GLY A 377 -24.59 -3.86 1.63
N SER A 378 -24.20 -3.54 0.41
CA SER A 378 -22.81 -3.57 0.00
C SER A 378 -22.61 -2.54 -1.11
N PHE A 379 -21.37 -2.15 -1.32
CA PHE A 379 -21.02 -1.40 -2.51
C PHE A 379 -20.28 -2.31 -3.49
N ARG A 380 -20.54 -2.12 -4.77
CA ARG A 380 -19.91 -2.87 -5.84
C ARG A 380 -19.20 -1.87 -6.75
N PHE A 381 -17.87 -1.89 -6.72
CA PHE A 381 -17.02 -0.97 -7.46
C PHE A 381 -16.53 -1.65 -8.73
N SER A 382 -17.15 -1.35 -9.85
CA SER A 382 -16.84 -1.98 -11.13
C SER A 382 -15.96 -1.07 -11.97
N SER A 383 -14.91 -1.64 -12.55
CA SER A 383 -14.07 -0.96 -13.51
C SER A 383 -14.11 -1.70 -14.83
N ASP A 384 -14.60 -1.04 -15.88
CA ASP A 384 -14.71 -1.67 -17.18
C ASP A 384 -13.37 -1.75 -17.91
N ALA A 385 -12.41 -0.91 -17.54
CA ALA A 385 -11.12 -0.94 -18.22
C ALA A 385 -10.29 -2.14 -17.80
N ILE A 386 -10.18 -2.40 -16.50
CA ILE A 386 -9.40 -3.52 -16.01
C ILE A 386 -10.25 -4.73 -15.72
N SER A 387 -11.57 -4.64 -15.94
CA SER A 387 -12.52 -5.75 -15.92
C SER A 387 -12.59 -6.42 -14.54
N THR A 388 -12.60 -5.60 -13.48
CA THR A 388 -12.75 -6.08 -12.11
C THR A 388 -13.97 -5.43 -11.48
N THR A 389 -14.55 -6.13 -10.50
CA THR A 389 -15.54 -5.56 -9.59
C THR A 389 -15.11 -5.84 -8.16
N PHE A 390 -15.01 -4.81 -7.36
CA PHE A 390 -14.65 -4.93 -5.96
C PHE A 390 -15.89 -4.78 -5.09
N THR A 391 -15.86 -5.42 -3.93
CA THR A 391 -17.03 -5.52 -3.07
C THR A 391 -16.64 -5.08 -1.66
N THR A 392 -17.37 -4.13 -1.11
CA THR A 392 -17.08 -3.60 0.21
C THR A 392 -18.37 -3.37 0.98
N ASN A 393 -18.21 -3.03 2.25
CA ASN A 393 -19.33 -2.65 3.10
C ASN A 393 -19.71 -1.19 2.88
N LEU A 394 -20.85 -0.80 3.43
CA LEU A 394 -21.35 0.57 3.27
C LEU A 394 -20.50 1.58 4.04
N THR A 395 -19.93 1.15 5.15
CA THR A 395 -19.14 2.06 6.01
C THR A 395 -17.74 2.29 5.46
N GLU A 396 -17.29 3.54 5.47
CA GLU A 396 -15.92 3.85 5.01
C GLU A 396 -14.89 3.28 5.98
N TYR A 397 -13.67 3.08 5.52
CA TYR A 397 -12.56 2.58 6.38
C TYR A 397 -11.78 3.76 6.97
N SER A 398 -11.47 3.75 8.27
CA SER A 398 -10.69 4.92 8.78
C SER A 398 -9.20 4.72 8.50
N LEU A 399 -8.55 5.70 7.88
CA LEU A 399 -7.11 5.62 7.51
C LEU A 399 -6.25 5.76 8.78
N SER A 400 -6.88 5.98 9.93
CA SER A 400 -6.19 6.07 11.23
C SER A 400 -6.06 4.67 11.80
N ARG A 401 -6.63 3.69 11.12
CA ARG A 401 -6.55 2.27 11.52
C ARG A 401 -5.32 1.65 10.86
N VAL A 402 -4.71 2.34 9.90
CA VAL A 402 -3.54 1.80 9.13
C VAL A 402 -2.23 2.27 9.73
N ASP A 403 -1.38 1.35 10.20
CA ASP A 403 -0.05 1.73 10.66
C ASP A 403 0.82 2.17 9.49
N LEU A 404 1.48 3.30 9.67
CA LEU A 404 2.41 3.90 8.71
C LEU A 404 1.73 4.13 7.36
N GLY A 405 0.57 4.77 7.40
CA GLY A 405 -0.23 4.89 6.20
C GLY A 405 -0.40 6.29 5.66
N ASP A 406 0.66 7.09 5.66
CA ASP A 406 0.60 8.46 5.16
C ASP A 406 0.75 8.55 3.65
N CYS A 407 1.13 7.46 2.98
CA CYS A 407 1.24 7.52 1.53
C CYS A 407 -0.11 7.47 0.86
N ILE A 408 -1.13 6.96 1.56
CA ILE A 408 -2.41 6.64 0.94
C ILE A 408 -3.13 7.91 0.55
N GLY A 409 -3.27 8.85 1.48
CA GLY A 409 -3.95 10.09 1.19
C GLY A 409 -3.18 11.01 0.26
N ARG A 410 -1.85 10.89 0.24
CA ARG A 410 -1.05 11.71 -0.65
C ARG A 410 -1.19 11.24 -2.09
N ASP A 411 -1.07 9.92 -2.29
CA ASP A 411 -1.10 9.38 -3.65
C ASP A 411 -2.49 9.41 -4.24
N ALA A 412 -3.51 9.31 -3.38
CA ALA A 412 -4.88 9.34 -3.86
C ALA A 412 -5.25 10.72 -4.36
N ARG A 413 -4.99 11.76 -3.55
CA ARG A 413 -5.40 13.10 -3.92
C ARG A 413 -4.62 13.62 -5.12
N GLU A 414 -3.40 13.12 -5.32
CA GLU A 414 -2.63 13.53 -6.47
C GLU A 414 -3.10 12.83 -7.74
N ALA A 415 -3.48 11.55 -7.63
CA ALA A 415 -3.90 10.81 -8.82
C ALA A 415 -5.32 11.19 -9.23
N ILE A 416 -6.17 11.50 -8.25
CA ILE A 416 -7.54 11.90 -8.54
C ILE A 416 -7.56 13.24 -9.26
N ASP A 417 -6.68 14.16 -8.86
CA ASP A 417 -6.66 15.48 -9.48
C ASP A 417 -6.14 15.44 -10.91
N ARG A 418 -5.21 14.52 -11.21
CA ARG A 418 -4.82 14.31 -12.61
C ARG A 418 -5.94 13.73 -13.44
N MET A 419 -6.64 12.75 -12.91
CA MET A 419 -7.67 12.08 -13.70
C MET A 419 -8.90 12.96 -13.85
N PHE A 420 -9.12 13.90 -12.94
CA PHE A 420 -10.16 14.90 -13.13
C PHE A 420 -9.75 15.95 -14.14
N ALA A 421 -8.46 16.30 -14.19
CA ALA A 421 -7.98 17.32 -15.10
C ALA A 421 -7.51 16.75 -16.43
N ARG A 422 -7.86 15.50 -16.72
CA ARG A 422 -7.61 14.92 -18.01
C ARG A 422 -8.88 14.58 -18.77
N LYS A 423 -9.91 14.10 -18.10
CA LYS A 423 -11.14 13.74 -18.78
C LYS A 423 -12.33 14.53 -18.26
N TYR A 424 -12.45 14.67 -16.95
CA TYR A 424 -13.64 15.25 -16.34
C TYR A 424 -13.48 16.75 -16.11
N ASN A 425 -13.05 17.51 -17.11
CA ASN A 425 -12.75 18.92 -16.87
C ASN A 425 -13.94 19.82 -17.13
N ALA A 426 -14.74 19.54 -18.16
CA ALA A 426 -15.84 20.41 -18.52
C ALA A 426 -17.20 19.74 -18.33
N THR A 427 -17.24 18.47 -17.95
CA THR A 427 -18.47 17.71 -17.94
C THR A 427 -18.95 17.27 -16.58
N HIS A 428 -18.14 17.41 -15.52
CA HIS A 428 -18.47 16.85 -14.23
C HIS A 428 -17.98 17.77 -13.13
N ILE A 429 -18.48 17.55 -11.92
CA ILE A 429 -17.95 18.18 -10.71
C ILE A 429 -17.73 17.10 -9.67
N LYS A 430 -16.77 17.36 -8.78
CA LYS A 430 -16.51 16.48 -7.66
C LYS A 430 -17.56 16.73 -6.58
N VAL A 431 -18.17 15.66 -6.08
CA VAL A 431 -19.10 15.76 -4.96
C VAL A 431 -18.41 15.14 -3.75
N GLY A 432 -18.04 16.02 -2.81
CA GLY A 432 -17.43 15.61 -1.56
C GLY A 432 -15.93 15.47 -1.66
N GLN A 433 -15.38 14.87 -0.64
CA GLN A 433 -13.99 14.50 -0.47
C GLN A 433 -13.78 13.05 -0.89
N PRO A 434 -12.54 12.62 -1.14
CA PRO A 434 -12.30 11.20 -1.41
C PRO A 434 -12.66 10.31 -0.23
N GLN A 435 -13.27 9.18 -0.54
CA GLN A 435 -13.77 8.23 0.45
C GLN A 435 -12.93 6.97 0.40
N TYR A 436 -12.85 6.26 1.50
CA TYR A 436 -11.95 5.11 1.60
C TYR A 436 -12.72 3.88 2.01
N TYR A 437 -12.53 2.80 1.26
CA TYR A 437 -13.28 1.57 1.46
C TYR A 437 -12.33 0.39 1.42
N LEU A 438 -12.58 -0.59 2.26
CA LEU A 438 -11.80 -1.81 2.26
C LEU A 438 -12.57 -2.90 1.51
N ALA A 439 -12.00 -3.37 0.41
CA ALA A 439 -12.65 -4.36 -0.43
C ALA A 439 -12.24 -5.76 -0.02
N THR A 440 -13.10 -6.73 -0.33
CA THR A 440 -12.79 -8.13 -0.08
C THR A 440 -11.56 -8.55 -0.87
N GLY A 441 -10.74 -9.38 -0.26
CA GLY A 441 -9.45 -9.71 -0.79
C GLY A 441 -8.33 -8.83 -0.30
N GLY A 442 -8.66 -7.74 0.40
CA GLY A 442 -7.68 -6.87 0.99
C GLY A 442 -7.24 -5.73 0.11
N PHE A 443 -8.18 -4.98 -0.43
CA PHE A 443 -7.90 -3.86 -1.32
C PHE A 443 -8.49 -2.61 -0.73
N LEU A 444 -7.71 -1.55 -0.69
CA LEU A 444 -8.20 -0.26 -0.22
C LEU A 444 -8.52 0.62 -1.42
N ILE A 445 -9.74 1.14 -1.47
CA ILE A 445 -10.23 1.89 -2.60
C ILE A 445 -10.47 3.32 -2.18
N ALA A 446 -9.77 4.24 -2.82
CA ALA A 446 -9.98 5.67 -2.64
C ALA A 446 -10.87 6.17 -3.75
N TYR A 447 -12.12 6.52 -3.43
CA TYR A 447 -13.13 6.82 -4.44
C TYR A 447 -13.52 8.29 -4.39
N GLN A 448 -13.45 8.97 -5.53
CA GLN A 448 -13.95 10.33 -5.68
C GLN A 448 -15.25 10.32 -6.46
N PRO A 449 -16.39 10.59 -5.83
CA PRO A 449 -17.64 10.63 -6.59
C PRO A 449 -17.74 11.87 -7.46
N LEU A 450 -18.35 11.69 -8.62
CA LEU A 450 -18.53 12.76 -9.58
C LEU A 450 -20.01 12.92 -9.87
N LEU A 451 -20.38 14.08 -10.41
CA LEU A 451 -21.73 14.34 -10.84
C LEU A 451 -21.65 15.20 -12.08
N SER A 452 -22.40 14.82 -13.12
CA SER A 452 -22.30 15.49 -14.40
C SER A 452 -22.93 16.89 -14.33
N ASN A 453 -22.42 17.79 -15.18
CA ASN A 453 -22.92 19.16 -15.21
C ASN A 453 -24.36 19.24 -15.71
N THR A 454 -24.81 18.23 -16.46
CA THR A 454 -26.22 18.13 -16.81
C THR A 454 -27.06 17.86 -15.58
N LEU A 455 -26.66 16.89 -14.75
CA LEU A 455 -27.47 16.46 -13.62
C LEU A 455 -27.43 17.44 -12.47
N ALA A 456 -26.51 18.41 -12.47
CA ALA A 456 -26.41 19.38 -11.38
C ALA A 456 -27.53 20.41 -11.42
N GLU A 457 -28.75 19.99 -11.11
CA GLU A 457 -29.86 20.92 -11.01
C GLU A 457 -29.89 21.59 -9.64
N LEU A 458 -29.67 20.81 -8.59
CA LEU A 458 -29.65 21.34 -7.23
C LEU A 458 -28.20 21.45 -6.74
N SER A 488 -7.28 0.81 17.86
CA SER A 488 -6.71 -0.41 17.32
C SER A 488 -6.06 -0.17 15.96
N VAL A 489 -4.77 -0.48 15.85
CA VAL A 489 -4.03 -0.29 14.62
C VAL A 489 -3.63 -1.66 14.08
N GLU A 490 -3.57 -1.79 12.76
CA GLU A 490 -3.51 -3.12 12.14
C GLU A 490 -2.95 -3.07 10.73
N ARG A 491 -2.78 -4.26 10.17
CA ARG A 491 -2.19 -4.48 8.85
C ARG A 491 -3.22 -5.10 7.92
N ILE A 492 -3.34 -4.58 6.72
CA ILE A 492 -4.24 -5.16 5.73
C ILE A 492 -3.46 -6.12 4.85
N LYS A 493 -3.97 -7.35 4.73
CA LYS A 493 -3.35 -8.40 3.96
C LYS A 493 -4.08 -8.57 2.63
N THR A 494 -3.34 -8.46 1.53
CA THR A 494 -3.92 -8.57 0.20
C THR A 494 -3.74 -10.00 -0.30
N THR A 495 -4.62 -10.42 -1.19
CA THR A 495 -4.46 -11.72 -1.82
C THR A 495 -3.65 -11.55 -3.10
N SER A 496 -3.00 -12.62 -3.51
CA SER A 496 -2.19 -12.55 -4.71
C SER A 496 -3.00 -12.73 -5.98
N SER A 497 -4.22 -13.27 -5.88
CA SER A 497 -5.05 -13.54 -7.03
C SER A 497 -6.22 -12.56 -7.10
N ILE A 498 -6.25 -11.79 -8.18
CA ILE A 498 -7.35 -10.89 -8.50
C ILE A 498 -8.45 -11.60 -9.30
N GLU A 499 -8.33 -12.92 -9.46
CA GLU A 499 -9.19 -13.65 -10.39
C GLU A 499 -10.64 -13.71 -9.93
N PHE A 500 -10.89 -13.64 -8.63
CA PHE A 500 -12.27 -13.61 -8.10
C PHE A 500 -13.01 -12.31 -8.48
N ALA A 501 -12.28 -11.21 -8.57
CA ALA A 501 -12.92 -9.93 -8.89
C ALA A 501 -13.17 -9.84 -10.40
N ARG A 502 -12.36 -10.51 -11.19
CA ARG A 502 -12.48 -10.50 -12.67
C ARG A 502 -13.54 -11.53 -13.07
N LEU A 503 -13.85 -12.50 -12.21
CA LEU A 503 -14.90 -13.50 -12.42
C LEU A 503 -16.20 -12.88 -11.93
N GLN A 504 -16.08 -12.02 -10.95
CA GLN A 504 -17.28 -11.30 -10.53
C GLN A 504 -17.71 -10.29 -11.58
N PHE A 505 -16.75 -9.70 -12.30
CA PHE A 505 -17.09 -8.78 -13.39
C PHE A 505 -17.78 -9.51 -14.53
N THR A 506 -17.18 -10.62 -14.99
CA THR A 506 -17.67 -11.28 -16.20
C THR A 506 -18.99 -11.99 -15.94
N TYR A 507 -19.19 -12.51 -14.73
CA TYR A 507 -20.47 -13.09 -14.38
C TYR A 507 -21.56 -12.03 -14.35
N ASN A 508 -21.29 -10.88 -13.71
CA ASN A 508 -22.31 -9.85 -13.59
C ASN A 508 -22.64 -9.21 -14.92
N HIS A 509 -21.66 -9.13 -15.81
CA HIS A 509 -21.88 -8.51 -17.11
C HIS A 509 -22.72 -9.40 -18.00
N ILE A 510 -22.56 -10.71 -17.89
CA ILE A 510 -23.40 -11.63 -18.65
C ILE A 510 -24.77 -11.77 -17.99
N GLN A 511 -24.81 -11.83 -16.66
CA GLN A 511 -26.08 -11.98 -15.92
C GLN A 511 -27.02 -10.81 -16.17
N ARG A 512 -26.50 -9.59 -16.13
CA ARG A 512 -27.32 -8.41 -16.31
C ARG A 512 -27.84 -8.32 -17.74
N HIS A 513 -27.08 -8.84 -18.69
CA HIS A 513 -27.54 -8.82 -20.07
C HIS A 513 -28.57 -9.90 -20.35
N VAL A 514 -28.38 -11.10 -19.80
CA VAL A 514 -29.33 -12.17 -20.08
C VAL A 514 -30.62 -11.96 -19.31
N ASN A 515 -30.56 -11.28 -18.16
CA ASN A 515 -31.78 -11.00 -17.43
C ASN A 515 -32.55 -9.87 -18.08
N ASP A 516 -31.85 -8.91 -18.68
CA ASP A 516 -32.52 -7.84 -19.38
C ASP A 516 -33.17 -8.34 -20.67
N MET A 517 -32.49 -9.22 -21.39
CA MET A 517 -33.05 -9.72 -22.65
C MET A 517 -34.17 -10.72 -22.42
N LEU A 518 -34.01 -11.65 -21.48
CA LEU A 518 -35.07 -12.61 -21.26
C LEU A 518 -36.25 -12.01 -20.52
N GLY A 519 -36.04 -10.92 -19.79
CA GLY A 519 -37.16 -10.20 -19.22
C GLY A 519 -37.97 -9.47 -20.26
N ARG A 520 -37.31 -8.99 -21.31
CA ARG A 520 -38.02 -8.31 -22.39
C ARG A 520 -38.82 -9.31 -23.23
N ILE A 521 -38.34 -10.56 -23.34
CA ILE A 521 -39.10 -11.59 -24.03
C ILE A 521 -40.33 -11.97 -23.19
N ALA A 522 -40.18 -11.98 -21.88
CA ALA A 522 -41.27 -12.38 -21.00
C ALA A 522 -42.37 -11.32 -20.95
N VAL A 523 -42.03 -10.05 -21.12
CA VAL A 523 -43.08 -9.04 -21.19
C VAL A 523 -43.69 -9.02 -22.57
N ALA A 524 -42.98 -9.52 -23.58
CA ALA A 524 -43.54 -9.56 -24.92
C ALA A 524 -44.37 -10.81 -25.15
N TRP A 525 -44.05 -11.90 -24.45
CA TRP A 525 -44.86 -13.10 -24.58
C TRP A 525 -46.19 -12.95 -23.88
N CYS A 526 -46.21 -12.21 -22.76
CA CYS A 526 -47.47 -11.92 -22.09
C CYS A 526 -48.34 -10.98 -22.91
N GLU A 527 -47.72 -9.99 -23.56
CA GLU A 527 -48.48 -9.03 -24.34
C GLU A 527 -49.01 -9.65 -25.62
N LEU A 528 -48.29 -10.61 -26.18
CA LEU A 528 -48.77 -11.28 -27.38
C LEU A 528 -49.96 -12.17 -27.05
N GLN A 529 -49.88 -12.92 -25.95
CA GLN A 529 -50.98 -13.79 -25.57
C GLN A 529 -52.20 -13.04 -25.08
N ASN A 530 -52.08 -11.78 -24.68
CA ASN A 530 -53.27 -10.98 -24.41
C ASN A 530 -53.83 -10.37 -25.68
N HIS A 531 -52.96 -10.04 -26.62
CA HIS A 531 -53.38 -9.40 -27.86
C HIS A 531 -54.09 -10.39 -28.78
N GLU A 532 -53.69 -11.66 -28.73
CA GLU A 532 -54.28 -12.69 -29.58
C GLU A 532 -55.66 -13.13 -29.11
N LEU A 533 -56.06 -12.75 -27.91
CA LEU A 533 -57.36 -13.17 -27.38
C LEU A 533 -58.51 -12.55 -28.16
N THR A 534 -58.30 -11.38 -28.76
CA THR A 534 -59.30 -10.81 -29.64
C THR A 534 -59.52 -11.68 -30.87
N LEU A 535 -58.45 -12.29 -31.38
CA LEU A 535 -58.58 -13.17 -32.53
C LEU A 535 -59.26 -14.49 -32.16
N TRP A 536 -59.14 -14.89 -30.90
CA TRP A 536 -59.84 -16.06 -30.40
C TRP A 536 -61.31 -15.81 -30.10
N ASN A 537 -61.71 -14.58 -29.83
CA ASN A 537 -63.11 -14.30 -29.63
C ASN A 537 -63.89 -14.22 -30.94
N GLU A 538 -63.27 -13.75 -32.01
CA GLU A 538 -63.92 -13.71 -33.31
C GLU A 538 -63.93 -15.08 -33.97
N ALA A 539 -63.06 -15.98 -33.54
CA ALA A 539 -63.03 -17.31 -34.13
C ALA A 539 -63.97 -18.29 -33.45
N ARG A 540 -64.38 -18.03 -32.21
CA ARG A 540 -65.42 -18.84 -31.56
C ARG A 540 -66.75 -18.78 -32.28
N LYS A 541 -67.15 -17.60 -32.71
CA LYS A 541 -68.43 -17.44 -33.37
C LYS A 541 -68.46 -18.05 -34.76
N LEU A 542 -67.30 -18.20 -35.40
CA LEU A 542 -67.21 -18.81 -36.72
C LEU A 542 -67.29 -20.33 -36.64
N ASN A 543 -66.43 -20.93 -35.84
CA ASN A 543 -66.30 -22.39 -35.74
C ASN A 543 -66.12 -22.76 -34.28
N PRO A 544 -67.21 -22.81 -33.51
CA PRO A 544 -67.07 -23.13 -32.09
C PRO A 544 -66.67 -24.57 -31.82
N ASN A 545 -66.86 -25.48 -32.77
CA ASN A 545 -66.38 -26.85 -32.60
C ASN A 545 -64.87 -26.90 -32.53
N ALA A 546 -64.19 -26.24 -33.47
CA ALA A 546 -62.73 -26.36 -33.55
C ALA A 546 -62.04 -25.50 -32.51
N ILE A 547 -62.66 -24.40 -32.10
CA ILE A 547 -62.02 -23.52 -31.13
C ILE A 547 -62.12 -24.11 -29.73
N ALA A 548 -63.26 -24.72 -29.40
CA ALA A 548 -63.40 -25.35 -28.09
C ALA A 548 -62.57 -26.61 -28.00
N SER A 549 -62.46 -27.36 -29.10
CA SER A 549 -61.65 -28.56 -29.09
C SER A 549 -60.15 -28.26 -29.08
N ALA A 550 -59.76 -27.04 -29.40
CA ALA A 550 -58.38 -26.61 -29.32
C ALA A 550 -58.03 -25.97 -27.98
N THR A 551 -59.01 -25.63 -27.15
CA THR A 551 -58.74 -24.98 -25.88
C THR A 551 -59.17 -25.78 -24.67
N VAL A 552 -59.82 -26.93 -24.84
CA VAL A 552 -60.09 -27.83 -23.73
C VAL A 552 -59.06 -28.94 -23.63
N GLY A 553 -58.56 -29.43 -24.75
CA GLY A 553 -57.59 -30.50 -24.75
C GLY A 553 -58.13 -31.83 -25.18
N ARG A 554 -59.42 -31.81 -25.54
CA ARG A 554 -60.14 -33.01 -26.04
C ARG A 554 -61.10 -32.56 -27.14
N ARG A 555 -61.36 -33.39 -28.15
CA ARG A 555 -62.37 -33.01 -29.18
C ARG A 555 -63.75 -32.93 -28.53
N VAL A 556 -64.41 -31.78 -28.66
CA VAL A 556 -65.73 -31.54 -28.02
C VAL A 556 -66.62 -30.80 -29.03
N SER A 557 -67.93 -30.72 -28.76
CA SER A 557 -68.88 -29.93 -29.58
C SER A 557 -69.24 -28.69 -28.78
N ALA A 558 -69.57 -27.57 -29.43
CA ALA A 558 -69.80 -26.35 -28.66
C ALA A 558 -70.77 -25.43 -29.38
N ARG A 559 -71.49 -24.62 -28.62
CA ARG A 559 -72.39 -23.59 -29.20
C ARG A 559 -72.26 -22.34 -28.34
N MET A 565 -71.26 -13.73 -23.99
CA MET A 565 -71.78 -15.09 -24.00
C MET A 565 -70.73 -16.16 -23.74
N ALA A 566 -71.16 -17.20 -23.02
CA ALA A 566 -70.34 -18.37 -22.76
C ALA A 566 -70.50 -19.37 -23.91
N VAL A 567 -69.75 -20.48 -23.84
CA VAL A 567 -69.87 -21.57 -24.80
C VAL A 567 -70.10 -22.87 -24.05
N SER A 568 -70.96 -23.72 -24.60
CA SER A 568 -71.39 -24.96 -23.97
C SER A 568 -70.79 -26.15 -24.68
N THR A 569 -70.19 -27.07 -23.94
CA THR A 569 -69.38 -28.13 -24.53
C THR A 569 -70.02 -29.51 -24.38
N CYS A 570 -69.60 -30.45 -25.24
CA CYS A 570 -70.03 -31.87 -25.15
C CYS A 570 -68.94 -32.77 -25.71
N VAL A 571 -68.71 -33.92 -25.11
CA VAL A 571 -67.67 -34.87 -25.52
C VAL A 571 -68.22 -35.87 -26.53
N PRO A 572 -67.62 -36.00 -27.70
CA PRO A 572 -67.99 -37.08 -28.63
C PRO A 572 -67.47 -38.47 -28.31
N VAL A 573 -68.28 -39.47 -28.63
CA VAL A 573 -67.83 -40.84 -28.71
C VAL A 573 -66.96 -40.97 -29.97
N ALA A 574 -66.01 -41.90 -29.95
CA ALA A 574 -65.08 -42.05 -31.07
C ALA A 574 -65.32 -43.35 -31.83
N PRO A 575 -66.06 -43.34 -32.95
CA PRO A 575 -66.17 -44.56 -33.76
C PRO A 575 -65.13 -44.66 -34.87
N ASP A 576 -65.18 -45.76 -35.62
CA ASP A 576 -64.35 -46.00 -36.79
C ASP A 576 -65.08 -47.08 -37.62
N ASN A 577 -64.42 -47.54 -38.70
CA ASN A 577 -64.94 -48.46 -39.72
C ASN A 577 -66.19 -47.90 -40.36
N VAL A 578 -66.00 -46.80 -41.10
CA VAL A 578 -67.05 -46.01 -41.71
C VAL A 578 -67.04 -46.30 -43.21
N ILE A 579 -68.22 -46.34 -43.84
CA ILE A 579 -68.26 -46.51 -45.28
C ILE A 579 -68.91 -45.26 -45.89
N VAL A 580 -68.41 -44.86 -47.04
CA VAL A 580 -68.87 -43.65 -47.73
C VAL A 580 -69.62 -44.06 -48.99
N GLN A 581 -70.77 -43.42 -49.23
CA GLN A 581 -71.52 -43.66 -50.46
C GLN A 581 -70.82 -43.06 -51.67
N ASN A 582 -71.27 -43.42 -52.86
CA ASN A 582 -70.68 -42.94 -54.10
C ASN A 582 -71.45 -41.79 -54.73
N SER A 583 -72.63 -41.48 -54.24
CA SER A 583 -73.51 -40.50 -54.89
C SER A 583 -73.77 -39.34 -53.94
N MET A 584 -73.59 -38.13 -54.44
CA MET A 584 -73.97 -36.93 -53.71
C MET A 584 -75.28 -36.35 -54.22
N ARG A 585 -75.98 -37.10 -55.06
CA ARG A 585 -77.21 -36.63 -55.69
C ARG A 585 -78.39 -36.89 -54.78
N VAL A 586 -79.25 -35.89 -54.62
CA VAL A 586 -80.53 -36.07 -53.96
C VAL A 586 -81.49 -36.62 -55.00
N SER A 587 -81.94 -37.87 -54.81
CA SER A 587 -82.79 -38.51 -55.80
C SER A 587 -84.22 -37.97 -55.71
N SER A 588 -84.64 -37.55 -54.51
CA SER A 588 -86.00 -37.08 -54.27
C SER A 588 -86.24 -35.77 -55.00
N ARG A 589 -85.43 -34.77 -54.72
CA ARG A 589 -85.49 -33.51 -55.45
C ARG A 589 -84.32 -33.46 -56.42
N PRO A 590 -84.56 -33.63 -57.72
CA PRO A 590 -83.44 -33.71 -58.68
C PRO A 590 -82.71 -32.40 -58.88
N GLY A 591 -83.31 -31.27 -58.51
CA GLY A 591 -82.66 -29.99 -58.70
C GLY A 591 -81.76 -29.58 -57.55
N THR A 592 -81.48 -30.51 -56.64
CA THR A 592 -80.57 -30.24 -55.53
C THR A 592 -79.72 -31.47 -55.28
N CYS A 593 -78.65 -31.29 -54.50
CA CYS A 593 -77.61 -32.27 -54.30
C CYS A 593 -76.79 -31.88 -53.09
N TYR A 594 -76.45 -32.86 -52.25
CA TYR A 594 -75.85 -32.60 -50.95
C TYR A 594 -74.47 -31.98 -51.08
N SER A 595 -74.13 -31.11 -50.12
CA SER A 595 -72.85 -30.42 -50.15
C SER A 595 -71.74 -31.30 -49.61
N ARG A 596 -72.03 -32.06 -48.57
CA ARG A 596 -71.02 -32.87 -47.90
C ARG A 596 -71.25 -34.34 -48.17
N PRO A 597 -70.19 -35.19 -48.13
CA PRO A 597 -70.33 -36.63 -48.40
C PRO A 597 -71.28 -37.40 -47.50
N LEU A 598 -71.99 -38.35 -48.09
CA LEU A 598 -72.86 -39.23 -47.33
C LEU A 598 -72.02 -40.30 -46.67
N VAL A 599 -72.35 -40.62 -45.42
CA VAL A 599 -71.67 -41.68 -44.70
C VAL A 599 -72.68 -42.61 -44.07
N SER A 600 -72.25 -43.84 -43.82
CA SER A 600 -72.96 -44.80 -43.00
C SER A 600 -71.95 -45.38 -42.03
N PHE A 601 -72.35 -45.50 -40.76
CA PHE A 601 -71.39 -45.83 -39.71
C PHE A 601 -72.07 -46.64 -38.62
N ARG A 602 -71.25 -47.26 -37.78
CA ARG A 602 -71.71 -48.10 -36.68
C ARG A 602 -70.96 -47.69 -35.42
N TYR A 603 -71.70 -47.49 -34.32
CA TYR A 603 -71.07 -47.24 -33.03
C TYR A 603 -70.24 -48.43 -32.58
N GLU A 604 -70.86 -49.60 -32.51
CA GLU A 604 -70.16 -50.86 -32.30
C GLU A 604 -70.66 -51.82 -33.37
N ASP A 605 -70.10 -53.02 -33.39
CA ASP A 605 -70.41 -53.95 -34.48
C ASP A 605 -71.75 -54.64 -34.27
N GLN A 606 -72.32 -54.54 -33.06
CA GLN A 606 -73.60 -55.16 -32.80
C GLN A 606 -74.75 -54.18 -32.99
N GLY A 607 -74.47 -53.02 -33.59
CA GLY A 607 -75.45 -51.99 -33.76
C GLY A 607 -75.72 -51.72 -35.22
N PRO A 608 -76.87 -51.12 -35.52
CA PRO A 608 -77.25 -50.88 -36.92
C PRO A 608 -76.39 -49.81 -37.57
N LEU A 609 -76.35 -49.83 -38.89
CA LEU A 609 -75.62 -48.84 -39.66
C LEU A 609 -76.43 -47.54 -39.65
N ILE A 610 -75.84 -46.50 -39.05
CA ILE A 610 -76.54 -45.22 -38.94
C ILE A 610 -76.20 -44.37 -40.15
N GLU A 611 -77.22 -43.85 -40.81
CA GLU A 611 -77.03 -42.95 -41.93
C GLU A 611 -76.72 -41.56 -41.38
N GLY A 612 -75.77 -40.89 -42.00
CA GLY A 612 -75.34 -39.59 -41.54
C GLY A 612 -74.69 -38.84 -42.68
N GLN A 613 -73.90 -37.84 -42.32
CA GLN A 613 -73.22 -37.02 -43.31
C GLN A 613 -71.88 -36.57 -42.76
N LEU A 614 -70.85 -36.63 -43.61
CA LEU A 614 -69.49 -36.31 -43.20
C LEU A 614 -69.34 -34.82 -42.95
N GLY A 615 -68.77 -34.47 -41.81
CA GLY A 615 -68.60 -33.08 -41.46
C GLY A 615 -67.18 -32.60 -41.52
N GLU A 616 -66.79 -31.75 -40.59
CA GLU A 616 -65.48 -31.12 -40.60
C GLU A 616 -64.55 -31.86 -39.64
N ASN A 617 -63.37 -32.26 -40.13
CA ASN A 617 -62.36 -32.93 -39.29
C ASN A 617 -62.87 -34.31 -38.84
N ASN A 618 -63.50 -35.07 -39.74
CA ASN A 618 -63.94 -36.47 -39.45
C ASN A 618 -65.02 -36.49 -38.37
N GLU A 619 -65.94 -35.54 -38.41
CA GLU A 619 -67.09 -35.55 -37.49
C GLU A 619 -68.26 -36.04 -38.34
N LEU A 620 -68.86 -37.15 -37.94
CA LEU A 620 -69.96 -37.75 -38.73
C LEU A 620 -71.25 -37.30 -38.08
N ARG A 621 -71.97 -36.41 -38.75
CA ARG A 621 -73.20 -35.84 -38.17
C ARG A 621 -74.30 -36.89 -38.28
N LEU A 622 -75.44 -36.65 -37.65
CA LEU A 622 -76.51 -37.67 -37.65
C LEU A 622 -77.56 -37.30 -38.71
N THR A 623 -77.68 -36.01 -39.03
CA THR A 623 -78.70 -35.57 -40.03
C THR A 623 -78.10 -35.44 -41.42
N ARG A 624 -78.94 -35.57 -42.44
CA ARG A 624 -78.50 -35.38 -43.82
C ARG A 624 -78.94 -33.99 -44.32
N ASP A 625 -78.66 -32.95 -43.54
CA ASP A 625 -79.28 -31.65 -43.79
C ASP A 625 -78.40 -30.61 -44.46
N ALA A 626 -77.36 -31.01 -45.20
CA ALA A 626 -76.47 -30.03 -45.84
C ALA A 626 -76.73 -30.00 -47.35
N LEU A 627 -77.68 -29.17 -47.74
CA LEU A 627 -78.17 -29.13 -49.12
C LEU A 627 -77.62 -27.90 -49.84
N GLU A 628 -77.50 -28.01 -51.18
CA GLU A 628 -76.98 -26.93 -52.00
C GLU A 628 -77.40 -27.14 -53.44
N PRO A 629 -77.52 -26.10 -54.27
CA PRO A 629 -77.89 -26.30 -55.68
C PRO A 629 -76.80 -26.93 -56.51
N CYS A 630 -77.18 -27.66 -57.56
CA CYS A 630 -76.23 -28.43 -58.37
C CYS A 630 -75.59 -27.50 -59.39
N THR A 631 -74.27 -27.50 -59.44
CA THR A 631 -73.54 -26.60 -60.34
C THR A 631 -72.66 -27.38 -61.30
N VAL A 632 -71.90 -26.68 -62.13
CA VAL A 632 -71.06 -27.31 -63.14
C VAL A 632 -69.60 -27.16 -62.77
N GLY A 633 -68.79 -28.11 -63.22
CA GLY A 633 -67.38 -28.12 -62.86
C GLY A 633 -67.14 -28.43 -61.40
N HIS A 634 -67.98 -29.27 -60.82
CA HIS A 634 -67.93 -29.55 -59.39
C HIS A 634 -66.75 -30.46 -59.08
N ARG A 635 -65.88 -30.02 -58.18
CA ARG A 635 -64.63 -30.68 -57.87
C ARG A 635 -64.28 -30.41 -56.42
N ARG A 636 -64.16 -31.46 -55.61
CA ARG A 636 -64.05 -31.29 -54.16
C ARG A 636 -63.07 -32.27 -53.52
N TYR A 637 -62.26 -31.77 -52.59
CA TYR A 637 -61.58 -32.59 -51.61
C TYR A 637 -62.37 -32.54 -50.31
N PHE A 638 -62.39 -33.66 -49.58
CA PHE A 638 -62.95 -33.68 -48.24
C PHE A 638 -62.10 -34.59 -47.36
N ILE A 639 -61.78 -34.14 -46.16
CA ILE A 639 -60.98 -34.93 -45.23
C ILE A 639 -61.78 -36.13 -44.74
N PHE A 640 -61.25 -37.32 -45.00
CA PHE A 640 -61.94 -38.57 -44.69
C PHE A 640 -60.91 -39.54 -44.13
N GLY A 641 -60.76 -39.51 -42.80
CA GLY A 641 -59.96 -40.49 -42.07
C GLY A 641 -58.51 -40.60 -42.43
N GLY A 642 -57.71 -39.57 -42.14
CA GLY A 642 -56.29 -39.65 -42.43
C GLY A 642 -55.96 -39.50 -43.88
N GLY A 643 -56.78 -38.79 -44.63
CA GLY A 643 -56.57 -38.58 -46.05
C GLY A 643 -57.78 -37.91 -46.65
N TYR A 644 -57.62 -37.47 -47.89
CA TYR A 644 -58.67 -36.74 -48.57
C TYR A 644 -59.44 -37.68 -49.50
N VAL A 645 -60.77 -37.54 -49.49
CA VAL A 645 -61.61 -38.19 -50.48
C VAL A 645 -61.96 -37.16 -51.55
N TYR A 646 -61.98 -37.59 -52.82
CA TYR A 646 -62.10 -36.69 -53.95
C TYR A 646 -63.36 -36.97 -54.75
N PHE A 647 -64.22 -35.97 -54.85
CA PHE A 647 -65.50 -36.12 -55.53
C PHE A 647 -65.56 -35.18 -56.73
N GLU A 648 -65.87 -35.74 -57.90
CA GLU A 648 -65.99 -35.00 -59.13
C GLU A 648 -67.39 -35.19 -59.70
N GLU A 649 -68.09 -34.07 -59.89
CA GLU A 649 -69.46 -34.02 -60.43
C GLU A 649 -70.42 -34.88 -59.62
N TYR A 650 -70.30 -34.76 -58.29
CA TYR A 650 -71.12 -35.45 -57.30
C TYR A 650 -70.99 -36.97 -57.42
N ALA A 651 -69.75 -37.44 -57.53
CA ALA A 651 -69.49 -38.87 -57.67
C ALA A 651 -68.14 -39.21 -57.07
N TYR A 652 -68.06 -40.34 -56.36
CA TYR A 652 -66.82 -40.81 -55.74
C TYR A 652 -65.75 -41.15 -56.77
N SER A 653 -64.66 -40.41 -56.77
CA SER A 653 -63.60 -40.75 -57.70
C SER A 653 -62.56 -41.64 -57.03
N HIS A 654 -61.86 -41.14 -56.02
CA HIS A 654 -60.78 -41.88 -55.35
C HIS A 654 -60.35 -41.20 -54.06
N GLN A 655 -59.78 -42.00 -53.16
CA GLN A 655 -59.24 -41.49 -51.91
C GLN A 655 -57.76 -41.22 -52.07
N LEU A 656 -57.25 -40.27 -51.28
CA LEU A 656 -55.86 -39.83 -51.36
C LEU A 656 -55.23 -39.95 -49.99
N SER A 657 -53.90 -39.93 -49.98
CA SER A 657 -53.18 -39.63 -48.77
C SER A 657 -53.01 -38.11 -48.64
N ARG A 658 -52.55 -37.67 -47.47
CA ARG A 658 -52.24 -36.26 -47.33
C ARG A 658 -50.89 -35.91 -47.93
N ALA A 659 -50.11 -36.92 -48.32
CA ALA A 659 -48.79 -36.70 -48.89
C ALA A 659 -48.87 -36.46 -50.39
N ASP A 660 -50.07 -36.26 -50.93
CA ASP A 660 -50.26 -35.97 -52.34
C ASP A 660 -50.46 -34.49 -52.59
N VAL A 661 -51.21 -33.81 -51.72
CA VAL A 661 -51.40 -32.36 -51.86
C VAL A 661 -50.14 -31.64 -51.41
N THR A 662 -49.86 -30.50 -52.05
CA THR A 662 -48.72 -29.70 -51.64
C THR A 662 -48.97 -29.03 -50.30
N THR A 663 -48.02 -29.16 -49.39
CA THR A 663 -48.15 -28.57 -48.08
C THR A 663 -47.49 -27.19 -48.07
N VAL A 664 -48.27 -26.19 -47.67
CA VAL A 664 -47.73 -24.90 -47.28
C VAL A 664 -47.79 -24.82 -45.75
N SER A 665 -46.90 -24.03 -45.18
CA SER A 665 -46.80 -23.90 -43.74
C SER A 665 -47.38 -22.57 -43.27
N THR A 666 -48.19 -22.62 -42.23
CA THR A 666 -48.62 -21.44 -41.49
C THR A 666 -47.56 -21.02 -40.48
N PHE A 667 -46.54 -21.85 -40.26
CA PHE A 667 -45.66 -21.74 -39.11
C PHE A 667 -44.46 -20.85 -39.40
N ILE A 668 -44.01 -20.18 -38.36
CA ILE A 668 -42.76 -19.41 -38.39
C ILE A 668 -41.69 -20.27 -37.73
N ASP A 669 -40.57 -20.42 -38.42
CA ASP A 669 -39.48 -21.25 -37.93
C ASP A 669 -38.64 -20.52 -36.90
N LEU A 670 -38.04 -21.30 -36.00
CA LEU A 670 -37.12 -20.79 -34.99
C LEU A 670 -36.22 -21.92 -34.56
N ASN A 671 -34.95 -21.84 -34.93
CA ASN A 671 -33.98 -22.91 -34.71
C ASN A 671 -33.02 -22.49 -33.61
N ILE A 672 -33.40 -22.78 -32.37
CA ILE A 672 -32.53 -22.57 -31.22
C ILE A 672 -31.73 -23.84 -30.96
N THR A 673 -30.42 -23.70 -30.87
CA THR A 673 -29.52 -24.78 -30.53
C THR A 673 -29.02 -24.57 -29.11
N MET A 674 -28.62 -25.65 -28.46
CA MET A 674 -28.10 -25.56 -27.10
C MET A 674 -26.62 -25.19 -27.11
N LEU A 675 -26.18 -24.55 -26.03
CA LEU A 675 -24.77 -24.27 -25.83
C LEU A 675 -24.10 -25.55 -25.38
N GLU A 676 -23.03 -25.93 -26.08
CA GLU A 676 -22.40 -27.22 -25.87
C GLU A 676 -21.54 -27.20 -24.61
N ASP A 677 -21.21 -28.39 -24.13
CA ASP A 677 -20.31 -28.53 -22.99
C ASP A 677 -18.88 -28.20 -23.40
N HIS A 678 -18.14 -27.60 -22.48
CA HIS A 678 -16.74 -27.30 -22.66
C HIS A 678 -15.97 -27.71 -21.40
N GLU A 679 -14.75 -28.19 -21.60
CA GLU A 679 -13.88 -28.62 -20.52
C GLU A 679 -12.68 -27.70 -20.42
N PHE A 680 -12.42 -27.19 -19.22
CA PHE A 680 -11.28 -26.32 -18.97
C PHE A 680 -10.17 -27.14 -18.33
N VAL A 681 -9.01 -27.18 -19.00
CA VAL A 681 -7.85 -27.97 -18.59
C VAL A 681 -7.02 -27.10 -17.66
N PRO A 682 -6.20 -27.65 -16.76
CA PRO A 682 -5.24 -26.81 -16.03
C PRO A 682 -4.20 -26.20 -16.96
N LEU A 683 -3.93 -24.92 -16.76
CA LEU A 683 -3.04 -24.17 -17.62
C LEU A 683 -2.31 -23.11 -16.81
N GLU A 684 -0.99 -23.12 -16.88
CA GLU A 684 -0.14 -22.15 -16.21
C GLU A 684 0.95 -21.70 -17.17
N VAL A 685 1.40 -20.46 -17.01
CA VAL A 685 2.47 -19.96 -17.86
C VAL A 685 3.83 -20.39 -17.31
N TYR A 686 3.95 -20.51 -15.99
CA TYR A 686 5.16 -21.02 -15.35
C TYR A 686 4.73 -21.88 -14.17
N THR A 687 5.21 -23.10 -14.11
CA THR A 687 4.97 -23.93 -12.94
C THR A 687 5.82 -23.43 -11.79
N ARG A 688 5.51 -23.90 -10.58
CA ARG A 688 6.22 -23.38 -9.40
C ARG A 688 7.63 -23.94 -9.33
N HIS A 689 7.91 -25.03 -10.04
CA HIS A 689 9.26 -25.53 -10.14
C HIS A 689 10.08 -24.69 -11.12
N GLU A 690 9.41 -24.00 -12.04
CA GLU A 690 10.12 -23.15 -12.98
C GLU A 690 10.50 -21.83 -12.34
N ILE A 691 9.64 -21.30 -11.46
CA ILE A 691 9.96 -20.02 -10.83
C ILE A 691 11.02 -20.18 -9.76
N LYS A 692 11.20 -21.37 -9.20
CA LYS A 692 12.27 -21.57 -8.24
C LYS A 692 13.59 -21.91 -8.93
N ASP A 693 13.53 -22.45 -10.14
CA ASP A 693 14.73 -22.72 -10.90
C ASP A 693 15.24 -21.48 -11.62
N SER A 694 14.42 -20.42 -11.65
CA SER A 694 14.81 -19.18 -12.31
C SER A 694 15.96 -18.49 -11.57
N GLY A 695 16.08 -18.72 -10.27
CA GLY A 695 17.22 -18.21 -9.55
C GLY A 695 18.50 -18.93 -9.93
N LEU A 696 19.59 -18.17 -9.92
CA LEU A 696 20.86 -18.69 -10.41
C LEU A 696 21.52 -19.59 -9.38
N LEU A 697 21.32 -19.31 -8.11
CA LEU A 697 22.05 -19.97 -7.04
C LEU A 697 21.09 -20.22 -5.88
N ASP A 698 20.99 -21.47 -5.46
CA ASP A 698 20.05 -21.88 -4.42
C ASP A 698 20.79 -22.12 -3.13
N TYR A 699 20.40 -21.43 -2.07
CA TYR A 699 21.18 -21.44 -0.84
C TYR A 699 21.07 -22.77 -0.11
N THR A 700 19.91 -23.41 -0.17
CA THR A 700 19.72 -24.71 0.47
C THR A 700 20.59 -25.76 -0.21
N GLU A 701 20.68 -25.70 -1.53
CA GLU A 701 21.43 -26.69 -2.27
C GLU A 701 22.93 -26.46 -2.20
N VAL A 702 23.41 -25.23 -2.10
CA VAL A 702 24.85 -25.03 -2.00
C VAL A 702 25.35 -25.43 -0.61
N GLN A 703 24.57 -25.15 0.42
CA GLN A 703 24.96 -25.51 1.77
C GLN A 703 24.82 -26.99 2.02
N ARG A 704 23.97 -27.67 1.27
CA ARG A 704 23.85 -29.11 1.41
C ARG A 704 25.03 -29.82 0.75
N ARG A 705 25.53 -29.27 -0.36
CA ARG A 705 26.70 -29.82 -1.02
C ARG A 705 27.97 -29.51 -0.23
N ASN A 706 28.10 -28.27 0.26
CA ASN A 706 29.34 -27.84 0.87
C ASN A 706 29.57 -28.48 2.23
N GLN A 707 28.51 -28.75 2.98
CA GLN A 707 28.67 -29.31 4.31
C GLN A 707 28.78 -30.82 4.28
N LEU A 708 28.72 -31.42 3.10
CA LEU A 708 28.93 -32.84 2.91
C LEU A 708 30.37 -33.11 2.46
N HIS A 709 31.24 -32.11 2.57
CA HIS A 709 32.58 -32.17 2.01
C HIS A 709 33.47 -33.13 2.79
N ASP A 710 33.40 -33.12 4.11
CA ASP A 710 34.18 -34.03 4.93
C ASP A 710 33.64 -35.44 4.95
N LEU A 711 32.35 -35.62 4.66
CA LEU A 711 31.78 -36.95 4.51
C LEU A 711 32.10 -37.57 3.16
N ARG A 712 32.61 -36.81 2.21
CA ARG A 712 32.96 -37.31 0.88
C ARG A 712 34.45 -37.43 0.66
N PHE A 713 35.24 -36.56 1.28
CA PHE A 713 36.63 -36.34 0.90
C PHE A 713 37.58 -36.52 2.08
N ALA A 714 37.07 -36.68 3.29
CA ALA A 714 37.89 -36.83 4.47
C ALA A 714 37.40 -38.02 5.26
N ASP A 715 38.03 -38.24 6.42
CA ASP A 715 37.58 -39.23 7.39
C ASP A 715 37.42 -38.51 8.72
N ILE A 716 36.19 -38.44 9.22
CA ILE A 716 35.92 -37.72 10.45
C ILE A 716 35.94 -38.64 11.67
N ASP A 717 36.28 -39.89 11.47
CA ASP A 717 36.24 -40.87 12.55
C ASP A 717 37.59 -41.25 13.09
N THR A 718 38.62 -41.33 12.26
CA THR A 718 39.89 -41.89 12.67
C THR A 718 40.66 -40.87 13.52
N VAL A 719 41.29 -41.37 14.58
CA VAL A 719 42.13 -40.56 15.44
C VAL A 719 43.51 -41.19 15.41
N ILE A 720 44.51 -40.42 15.02
CA ILE A 720 45.89 -40.87 15.06
C ILE A 720 46.49 -40.43 16.39
N ARG A 721 47.20 -41.34 17.03
CA ARG A 721 47.76 -41.09 18.34
C ARG A 721 49.19 -40.61 18.22
N GLU B 20 45.14 26.07 29.28
CA GLU B 20 43.79 25.55 29.44
C GLU B 20 42.85 26.23 28.46
N VAL B 21 41.59 25.79 28.42
CA VAL B 21 40.63 26.22 27.41
C VAL B 21 39.88 27.43 27.91
N GLN B 22 39.93 28.53 27.15
CA GLN B 22 39.39 29.80 27.59
C GLN B 22 38.65 30.46 26.45
N LEU B 23 37.52 31.09 26.77
CA LEU B 23 36.68 31.79 25.79
C LEU B 23 36.52 33.25 26.21
N GLN B 24 37.44 34.10 25.79
CA GLN B 24 37.43 35.52 26.18
C GLN B 24 36.37 36.26 25.38
N GLN B 25 35.46 36.91 26.08
CA GLN B 25 34.24 37.46 25.53
C GLN B 25 34.12 38.92 25.93
N SER B 26 34.27 39.83 24.96
CA SER B 26 34.14 41.25 25.19
C SER B 26 33.42 41.90 24.02
N GLY B 27 32.59 42.90 24.34
CA GLY B 27 31.89 43.67 23.32
C GLY B 27 31.43 45.02 23.84
N PRO B 28 30.83 45.83 22.97
CA PRO B 28 30.22 47.07 23.43
C PRO B 28 29.01 46.80 24.31
N GLU B 29 28.90 47.54 25.41
CA GLU B 29 27.97 47.17 26.47
C GLU B 29 26.82 48.14 26.67
N LEU B 30 26.92 49.38 26.18
CA LEU B 30 25.86 50.37 26.31
C LEU B 30 25.50 50.89 24.93
N VAL B 31 24.23 50.75 24.55
CA VAL B 31 23.82 50.94 23.17
C VAL B 31 22.44 51.60 23.15
N LYS B 32 22.16 52.30 22.05
CA LYS B 32 21.03 53.16 21.74
C LYS B 32 19.90 52.35 21.08
N PRO B 33 18.64 52.65 21.40
CA PRO B 33 17.53 51.88 20.83
C PRO B 33 17.37 52.09 19.33
N GLY B 34 17.33 50.97 18.61
CA GLY B 34 17.27 51.01 17.16
C GLY B 34 18.64 50.98 16.52
N ALA B 35 19.60 50.33 17.16
CA ALA B 35 20.97 50.27 16.66
C ALA B 35 21.47 48.83 16.59
N SER B 36 22.77 48.66 16.40
CA SER B 36 23.34 47.33 16.21
C SER B 36 24.66 47.19 16.94
N VAL B 37 24.89 46.02 17.54
CA VAL B 37 26.06 45.76 18.36
C VAL B 37 26.67 44.44 17.88
N LYS B 38 27.98 44.28 18.11
CA LYS B 38 28.70 43.07 17.74
C LYS B 38 29.52 42.58 18.92
N ILE B 39 29.15 41.43 19.46
CA ILE B 39 29.87 40.81 20.57
C ILE B 39 30.86 39.81 19.99
N SER B 40 32.02 39.67 20.64
CA SER B 40 33.03 38.73 20.22
C SER B 40 33.27 37.69 21.31
N CYS B 41 33.79 36.52 20.89
CA CYS B 41 34.20 35.44 21.80
C CYS B 41 35.50 34.86 21.23
N LYS B 42 36.63 35.41 21.70
CA LYS B 42 37.94 34.89 21.33
C LYS B 42 38.20 33.54 22.00
N ALA B 43 38.67 32.60 21.21
CA ALA B 43 38.92 31.24 21.67
C ALA B 43 40.41 30.96 21.71
N SER B 44 40.85 30.30 22.77
CA SER B 44 42.25 29.94 22.93
C SER B 44 42.35 28.67 23.76
N GLY B 45 43.37 27.88 23.48
CA GLY B 45 43.57 26.61 24.13
C GLY B 45 43.06 25.42 23.37
N TYR B 46 42.48 25.61 22.20
CA TYR B 46 41.97 24.51 21.40
C TYR B 46 41.89 24.94 19.95
N THR B 47 41.70 23.97 19.07
CA THR B 47 41.52 24.25 17.65
C THR B 47 40.14 24.83 17.44
N PHE B 48 40.08 26.08 16.96
CA PHE B 48 38.80 26.80 16.86
C PHE B 48 37.91 26.21 15.78
N ALA B 49 38.49 25.50 14.82
CA ALA B 49 37.74 25.03 13.67
C ALA B 49 37.02 23.70 13.91
N ASP B 50 37.34 22.94 14.95
CA ASP B 50 36.67 21.66 15.15
C ASP B 50 35.77 21.63 16.39
N TYR B 51 35.09 22.74 16.68
CA TYR B 51 34.01 22.79 17.66
C TYR B 51 33.03 23.86 17.21
N THR B 52 31.76 23.71 17.58
CA THR B 52 30.76 24.72 17.27
C THR B 52 30.70 25.76 18.38
N MET B 53 30.41 27.00 17.94
CA MET B 53 30.31 28.14 18.88
C MET B 53 28.83 28.49 19.06
N HIS B 54 28.33 28.40 20.28
CA HIS B 54 26.93 28.69 20.60
C HIS B 54 26.80 30.02 21.33
N TRP B 55 25.58 30.56 21.30
CA TRP B 55 25.26 31.82 21.95
C TRP B 55 23.96 31.65 22.73
N VAL B 56 23.95 32.11 23.98
CA VAL B 56 22.74 32.05 24.79
C VAL B 56 22.49 33.41 25.43
N LYS B 57 21.29 33.57 25.97
CA LYS B 57 20.79 34.84 26.49
C LYS B 57 20.23 34.60 27.88
N GLN B 58 20.64 35.42 28.84
CA GLN B 58 20.10 35.35 30.20
C GLN B 58 19.62 36.74 30.59
N SER B 59 18.31 36.95 30.48
CA SER B 59 17.71 38.24 30.79
C SER B 59 17.29 38.30 32.25
N HIS B 60 18.08 39.03 33.05
CA HIS B 60 17.75 39.49 34.41
C HIS B 60 17.47 38.34 35.38
N GLY B 61 18.01 37.17 35.08
CA GLY B 61 17.70 35.98 35.86
C GLY B 61 16.25 35.56 35.72
N LYS B 62 15.84 35.19 34.53
CA LYS B 62 14.51 34.63 34.32
C LYS B 62 14.62 33.22 33.77
N SER B 63 15.56 33.02 32.84
CA SER B 63 15.76 31.77 32.13
C SER B 63 17.04 31.84 31.31
N LEU B 64 17.30 30.80 30.53
CA LEU B 64 18.37 30.81 29.54
C LEU B 64 17.76 30.45 28.19
N GLU B 65 17.94 31.32 27.21
CA GLU B 65 17.44 31.09 25.87
C GLU B 65 18.61 30.89 24.93
N TRP B 66 18.56 29.79 24.18
CA TRP B 66 19.52 29.49 23.15
C TRP B 66 19.29 30.35 21.92
N ILE B 67 20.37 30.90 21.36
CA ILE B 67 20.26 31.71 20.14
C ILE B 67 20.49 30.82 18.93
N GLY B 68 21.69 30.26 18.83
CA GLY B 68 22.06 29.48 17.67
C GLY B 68 23.52 29.11 17.73
N TYR B 69 24.01 28.50 16.65
CA TYR B 69 25.43 28.23 16.56
C TYR B 69 25.94 28.42 15.15
N ILE B 70 27.25 28.26 15.03
CA ILE B 70 27.95 28.30 13.76
C ILE B 70 29.11 27.31 13.85
N ASN B 71 29.35 26.60 12.75
CA ASN B 71 30.53 25.78 12.64
C ASN B 71 31.59 26.58 11.91
N PRO B 72 32.76 26.84 12.50
CA PRO B 72 33.76 27.68 11.83
C PRO B 72 34.36 27.08 10.58
N TYR B 73 34.24 25.78 10.38
CA TYR B 73 34.83 25.12 9.22
C TYR B 73 33.88 25.18 8.03
N SER B 74 32.68 24.66 8.21
CA SER B 74 31.78 24.52 7.07
C SER B 74 30.84 25.70 6.93
N LEU B 75 30.88 26.63 7.89
CA LEU B 75 30.03 27.81 7.99
C LEU B 75 28.55 27.47 8.02
N PHE B 76 28.21 26.31 8.59
CA PHE B 76 26.83 25.93 8.77
C PHE B 76 26.28 26.57 10.04
N ILE B 77 25.04 27.05 9.95
CA ILE B 77 24.38 27.79 11.01
C ILE B 77 23.03 27.16 11.28
N ASP B 78 22.74 26.86 12.53
CA ASP B 78 21.41 26.48 12.98
C ASP B 78 20.99 27.42 14.09
N SER B 79 19.81 28.02 13.95
CA SER B 79 19.42 29.13 14.81
C SER B 79 18.00 28.93 15.31
N ASN B 80 17.72 29.57 16.44
CA ASN B 80 16.36 29.70 16.95
C ASN B 80 15.61 30.67 16.04
N GLN B 81 14.37 30.31 15.68
CA GLN B 81 13.61 31.16 14.78
C GLN B 81 13.08 32.40 15.47
N LYS B 82 13.13 32.43 16.79
CA LYS B 82 12.78 33.61 17.56
C LYS B 82 13.73 34.77 17.28
N PHE B 83 14.97 34.46 16.89
CA PHE B 83 16.01 35.47 16.70
C PHE B 83 16.41 35.60 15.24
N LYS B 84 15.51 35.28 14.30
CA LYS B 84 15.86 35.28 12.89
C LYS B 84 16.06 36.72 12.39
N ASN B 85 15.14 37.61 12.77
CA ASN B 85 15.25 39.02 12.44
C ASN B 85 16.09 39.79 13.46
N LYS B 86 16.80 39.10 14.34
CA LYS B 86 17.52 39.77 15.43
C LYS B 86 19.02 39.53 15.33
N ALA B 87 19.44 38.28 15.25
CA ALA B 87 20.85 37.94 15.32
C ALA B 87 21.37 37.42 13.99
N THR B 88 22.63 37.71 13.71
CA THR B 88 23.38 37.02 12.67
C THR B 88 24.74 36.64 13.23
N LEU B 89 25.19 35.45 12.87
CA LEU B 89 26.43 34.88 13.39
C LEU B 89 27.46 34.78 12.29
N THR B 90 28.71 35.01 12.65
CA THR B 90 29.82 34.85 11.73
C THR B 90 31.06 34.53 12.56
N VAL B 91 32.13 34.17 11.86
CA VAL B 91 33.41 33.87 12.51
C VAL B 91 34.50 34.66 11.83
N ASP B 92 35.61 34.82 12.52
CA ASP B 92 36.88 35.21 11.91
C ASP B 92 37.83 34.04 12.13
N ASN B 93 38.11 33.31 11.05
CA ASN B 93 38.95 32.11 11.15
C ASN B 93 40.41 32.48 11.42
N SER B 94 40.87 33.59 10.83
CA SER B 94 42.25 34.01 11.03
C SER B 94 42.47 34.56 12.43
N SER B 95 41.44 35.12 13.05
CA SER B 95 41.56 35.73 14.36
C SER B 95 41.11 34.83 15.50
N TYR B 96 40.53 33.66 15.19
CA TYR B 96 39.97 32.70 16.14
C TYR B 96 38.88 33.34 17.02
N THR B 97 38.05 34.20 16.42
CA THR B 97 36.98 34.87 17.13
C THR B 97 35.65 34.57 16.45
N ALA B 98 34.62 34.35 17.25
CA ALA B 98 33.26 34.28 16.76
C ALA B 98 32.55 35.58 17.08
N TYR B 99 31.51 35.86 16.31
CA TYR B 99 30.81 37.14 16.41
C TYR B 99 29.32 36.93 16.44
N MET B 100 28.64 37.74 17.24
CA MET B 100 27.18 37.81 17.23
C MET B 100 26.77 39.25 17.04
N GLU B 101 26.02 39.52 15.99
CA GLU B 101 25.55 40.85 15.65
C GLU B 101 24.06 40.94 15.91
N LEU B 102 23.66 41.86 16.79
CA LEU B 102 22.28 42.03 17.21
C LEU B 102 21.74 43.34 16.66
N ARG B 103 20.86 43.25 15.66
CA ARG B 103 20.29 44.39 14.96
C ARG B 103 18.97 44.82 15.58
N SER B 104 18.63 46.09 15.35
CA SER B 104 17.34 46.69 15.71
C SER B 104 17.03 46.57 17.20
N LEU B 105 17.95 47.07 18.03
CA LEU B 105 17.93 46.79 19.45
C LEU B 105 16.83 47.52 20.18
N THR B 106 15.84 46.79 20.69
CA THR B 106 14.90 47.31 21.65
C THR B 106 15.36 46.99 23.07
N SER B 107 14.56 47.42 24.04
CA SER B 107 15.00 47.36 25.44
C SER B 107 14.89 45.95 26.02
N GLU B 108 14.09 45.08 25.39
CA GLU B 108 13.92 43.73 25.92
C GLU B 108 15.13 42.86 25.56
N ASP B 109 15.96 43.35 24.65
CA ASP B 109 17.20 42.73 24.26
C ASP B 109 18.30 42.89 25.30
N SER B 110 18.05 43.68 26.34
CA SER B 110 19.03 43.92 27.40
C SER B 110 19.17 42.67 28.24
N ALA B 111 20.33 42.04 28.16
CA ALA B 111 20.58 40.77 28.83
C ALA B 111 22.07 40.50 28.88
N VAL B 112 22.46 39.44 29.56
CA VAL B 112 23.82 38.96 29.47
C VAL B 112 23.87 37.87 28.40
N TYR B 113 24.77 38.04 27.43
CA TYR B 113 24.93 37.09 26.34
C TYR B 113 26.22 36.31 26.53
N TYR B 114 26.11 34.99 26.51
CA TYR B 114 27.24 34.09 26.72
C TYR B 114 27.62 33.40 25.42
N CYS B 115 28.87 32.98 25.33
CA CYS B 115 29.33 32.09 24.28
C CYS B 115 29.69 30.74 24.88
N ALA B 116 29.54 29.68 24.09
CA ALA B 116 29.68 28.33 24.61
C ALA B 116 30.22 27.40 23.55
N ARG B 117 31.02 26.42 23.98
CA ARG B 117 31.63 25.45 23.10
C ARG B 117 30.85 24.13 23.18
N PHE B 118 30.76 23.43 22.07
CA PHE B 118 29.94 22.24 21.88
C PHE B 118 30.62 21.41 20.80
N PRO B 119 30.46 20.08 20.82
CA PRO B 119 31.11 19.26 19.81
C PRO B 119 30.44 19.44 18.45
N PRO B 120 31.16 19.19 17.35
CA PRO B 120 30.53 19.29 16.03
C PRO B 120 29.79 18.02 15.62
N TYR B 121 29.05 17.42 16.54
CA TYR B 121 28.27 16.22 16.31
C TYR B 121 27.31 16.07 17.48
N TYR B 122 26.34 15.19 17.32
CA TYR B 122 25.40 14.87 18.37
C TYR B 122 25.66 13.45 18.85
N GLY B 123 26.31 13.34 20.01
CA GLY B 123 26.43 12.07 20.71
C GLY B 123 25.81 12.19 22.09
N PHE B 124 26.12 11.21 22.93
CA PHE B 124 25.69 11.30 24.32
C PHE B 124 26.57 12.29 25.07
N ASP B 125 27.84 12.40 24.68
CA ASP B 125 28.81 13.28 25.31
C ASP B 125 28.59 14.75 25.01
N SER B 126 27.75 15.09 24.04
CA SER B 126 27.73 16.44 23.48
C SER B 126 26.97 17.38 24.40
N HIS B 127 27.70 18.33 24.97
CA HIS B 127 27.18 19.27 25.95
C HIS B 127 28.06 20.50 25.93
N PHE B 128 27.55 21.58 26.50
CA PHE B 128 28.31 22.83 26.60
C PHE B 128 29.34 22.65 27.70
N ASP B 129 30.58 22.36 27.32
CA ASP B 129 31.60 22.06 28.30
C ASP B 129 32.45 23.28 28.69
N TYR B 130 32.52 24.30 27.84
CA TYR B 130 33.22 25.53 28.16
C TYR B 130 32.36 26.72 27.81
N TRP B 131 32.45 27.76 28.63
CA TRP B 131 31.63 28.95 28.52
C TRP B 131 32.49 30.20 28.54
N GLY B 132 31.92 31.30 28.06
CA GLY B 132 32.51 32.62 28.24
C GLY B 132 31.96 33.27 29.49
N GLN B 133 32.55 34.40 29.86
CA GLN B 133 32.14 35.06 31.09
C GLN B 133 30.85 35.84 30.90
N GLY B 134 30.55 36.25 29.67
CA GLY B 134 29.30 36.93 29.39
C GLY B 134 29.40 38.43 29.22
N THR B 135 29.03 38.93 28.05
CA THR B 135 28.93 40.36 27.82
C THR B 135 27.53 40.86 28.18
N ALA B 136 27.47 41.94 28.95
CA ALA B 136 26.21 42.49 29.47
C ALA B 136 25.78 43.69 28.61
N LEU B 137 24.67 43.54 27.90
CA LEU B 137 24.18 44.58 27.01
C LEU B 137 23.10 45.41 27.71
N THR B 138 23.08 46.71 27.44
CA THR B 138 22.09 47.63 27.99
C THR B 138 21.56 48.51 26.86
N VAL B 139 20.26 48.43 26.61
CA VAL B 139 19.61 49.26 25.60
C VAL B 139 18.81 50.33 26.34
N SER B 140 19.38 51.53 26.45
CA SER B 140 18.75 52.65 27.15
C SER B 140 19.32 53.98 26.68
N SER B 141 19.05 55.04 27.43
CA SER B 141 19.67 56.34 27.20
C SER B 141 20.02 57.02 28.52
N GLN C 20 7.77 24.98 20.70
CA GLN C 20 8.98 24.77 21.47
C GLN C 20 8.71 23.85 22.66
N ILE C 21 9.59 22.88 22.83
CA ILE C 21 9.52 21.92 23.93
C ILE C 21 9.77 22.65 25.25
N VAL C 22 9.00 22.31 26.29
CA VAL C 22 9.06 23.00 27.56
C VAL C 22 9.56 22.03 28.63
N LEU C 23 10.31 22.56 29.59
CA LEU C 23 10.92 21.77 30.65
C LEU C 23 10.51 22.40 31.97
N SER C 24 9.46 21.86 32.60
CA SER C 24 9.05 22.36 33.91
C SER C 24 9.92 21.71 34.97
N GLN C 25 10.48 22.51 35.86
CA GLN C 25 11.56 22.09 36.71
C GLN C 25 11.16 22.37 38.15
N SER C 26 10.61 21.34 38.82
CA SER C 26 10.06 21.46 40.15
C SER C 26 11.07 20.99 41.17
N PRO C 27 11.22 21.68 42.32
CA PRO C 27 10.50 22.88 42.72
C PRO C 27 11.16 24.14 42.18
N ALA C 28 10.49 25.29 42.30
CA ALA C 28 11.13 26.53 41.88
C ALA C 28 12.20 26.94 42.86
N ILE C 29 12.06 26.55 44.12
CA ILE C 29 13.00 26.86 45.19
C ILE C 29 12.94 25.75 46.23
N LEU C 30 14.07 25.15 46.56
CA LEU C 30 14.12 24.14 47.60
C LEU C 30 15.15 24.52 48.64
N SER C 31 14.79 24.29 49.91
CA SER C 31 15.64 24.60 51.05
C SER C 31 16.17 23.30 51.61
N ALA C 32 17.45 23.28 51.95
CA ALA C 32 18.11 22.05 52.37
C ALA C 32 18.99 22.33 53.58
N SER C 33 19.05 21.35 54.48
CA SER C 33 19.94 21.41 55.63
C SER C 33 21.16 20.57 55.33
N PRO C 34 22.38 21.03 55.68
CA PRO C 34 23.61 20.33 55.28
C PRO C 34 23.75 18.92 55.82
N GLY C 35 23.74 17.95 54.90
CA GLY C 35 23.70 16.54 55.23
C GLY C 35 22.48 15.84 54.66
N GLU C 36 21.44 16.59 54.33
CA GLU C 36 20.18 15.99 53.90
C GLU C 36 20.24 15.56 52.43
N LYS C 37 19.58 14.45 52.14
CA LYS C 37 19.38 14.01 50.76
C LYS C 37 18.20 14.74 50.17
N VAL C 38 18.43 15.47 49.08
CA VAL C 38 17.39 16.20 48.37
C VAL C 38 17.35 15.74 46.93
N THR C 39 16.23 16.03 46.28
CA THR C 39 16.05 15.67 44.88
C THR C 39 15.27 16.75 44.16
N MET C 40 15.60 16.97 42.90
CA MET C 40 14.95 17.96 42.05
C MET C 40 14.59 17.30 40.74
N THR C 41 13.40 17.60 40.22
CA THR C 41 12.90 16.96 39.03
C THR C 41 12.95 17.90 37.83
N CYS C 42 12.84 17.30 36.64
CA CYS C 42 12.71 18.02 35.38
C CYS C 42 11.85 17.13 34.49
N ARG C 43 10.63 17.56 34.18
CA ARG C 43 9.76 16.78 33.32
C ARG C 43 9.52 17.55 32.02
N ALA C 44 9.48 16.81 30.92
CA ALA C 44 9.50 17.39 29.59
C ALA C 44 8.14 17.27 28.92
N SER C 45 7.90 18.14 27.94
CA SER C 45 6.65 18.11 27.19
C SER C 45 6.61 16.91 26.24
N SER C 46 7.70 16.67 25.51
CA SER C 46 7.82 15.51 24.67
C SER C 46 9.03 14.71 25.12
N SER C 47 9.15 13.49 24.59
CA SER C 47 10.25 12.63 24.95
C SER C 47 11.57 13.17 24.39
N VAL C 48 12.61 13.12 25.20
CA VAL C 48 13.93 13.62 24.85
C VAL C 48 14.89 12.44 24.95
N SER C 49 15.96 12.48 24.15
CA SER C 49 16.95 11.41 24.19
C SER C 49 17.78 11.45 25.46
N TYR C 50 18.17 12.63 25.93
CA TYR C 50 19.01 12.76 27.11
C TYR C 50 18.68 14.06 27.82
N ILE C 51 19.17 14.19 29.05
CA ILE C 51 19.02 15.44 29.78
C ILE C 51 20.40 15.90 30.21
N TYR C 52 20.55 17.20 30.42
CA TYR C 52 21.84 17.84 30.62
C TYR C 52 21.68 18.91 31.70
N TRP C 53 22.51 18.87 32.73
CA TRP C 53 22.38 19.73 33.89
C TRP C 53 23.52 20.73 33.98
N TYR C 54 23.19 21.93 34.47
CA TYR C 54 24.13 23.04 34.54
C TYR C 54 23.95 23.76 35.87
N GLN C 55 25.04 24.33 36.38
CA GLN C 55 25.04 25.05 37.65
C GLN C 55 25.38 26.52 37.39
N GLN C 56 24.58 27.43 37.93
CA GLN C 56 24.85 28.85 37.83
C GLN C 56 24.73 29.50 39.20
N LYS C 57 25.83 29.95 39.73
CA LYS C 57 26.06 30.85 40.85
C LYS C 57 26.00 32.30 40.36
N PRO C 58 25.63 33.26 41.23
CA PRO C 58 25.41 34.62 40.75
C PRO C 58 26.71 35.31 40.35
N GLU C 59 26.58 36.21 39.36
CA GLU C 59 27.69 36.89 38.70
C GLU C 59 28.74 35.91 38.17
N SER C 60 28.27 34.83 37.55
CA SER C 60 29.17 33.84 36.98
C SER C 60 28.44 33.08 35.88
N SER C 61 29.24 32.46 35.02
CA SER C 61 28.70 31.71 33.90
C SER C 61 28.09 30.39 34.39
N PRO C 62 27.20 29.80 33.61
CA PRO C 62 26.80 28.42 33.89
C PRO C 62 27.95 27.46 33.65
N LYS C 63 28.00 26.42 34.44
CA LYS C 63 29.04 25.43 34.24
C LYS C 63 28.40 24.06 34.00
N PRO C 64 29.05 23.17 33.25
CA PRO C 64 28.47 21.85 33.01
C PRO C 64 28.50 20.98 34.26
N TRP C 65 27.39 20.28 34.49
CA TRP C 65 27.28 19.57 35.74
C TRP C 65 27.00 18.07 35.58
N ILE C 66 25.93 17.73 34.87
CA ILE C 66 25.57 16.36 34.54
C ILE C 66 25.26 16.31 33.05
N TYR C 67 25.92 15.41 32.33
CA TYR C 67 25.60 15.20 30.92
C TYR C 67 25.14 13.76 30.71
N ALA C 68 24.28 13.58 29.69
CA ALA C 68 23.75 12.27 29.25
C ALA C 68 23.02 11.54 30.36
N THR C 69 22.29 12.32 31.17
CA THR C 69 21.30 11.97 32.20
C THR C 69 21.95 11.37 33.44
N SER C 70 23.17 10.85 33.34
CA SER C 70 23.78 10.17 34.47
C SER C 70 25.25 10.49 34.65
N ASN C 71 25.94 10.92 33.60
CA ASN C 71 27.38 11.11 33.69
C ASN C 71 27.69 12.44 34.37
N LEU C 72 28.80 12.47 35.08
CA LEU C 72 29.19 13.60 35.90
C LEU C 72 30.25 14.40 35.17
N ALA C 73 30.10 15.72 35.16
CA ALA C 73 31.05 16.56 34.45
C ALA C 73 32.38 16.64 35.20
N SER C 74 33.37 17.22 34.54
CA SER C 74 34.73 17.22 35.05
C SER C 74 34.85 18.15 36.25
N GLY C 75 35.09 17.59 37.42
CA GLY C 75 35.27 18.36 38.62
C GLY C 75 34.07 18.45 39.52
N VAL C 76 32.98 17.75 39.21
CA VAL C 76 31.79 17.85 40.05
C VAL C 76 31.93 16.75 41.10
N PRO C 77 31.34 16.90 42.28
CA PRO C 77 31.54 15.88 43.32
C PRO C 77 30.71 14.63 43.04
N GLY C 78 31.16 13.54 43.65
CA GLY C 78 30.50 12.26 43.54
C GLY C 78 29.22 12.13 44.31
N ARG C 79 28.86 13.12 45.10
CA ARG C 79 27.58 13.13 45.80
C ARG C 79 26.42 13.48 44.89
N PHE C 80 26.68 14.01 43.70
CA PHE C 80 25.65 14.27 42.72
C PHE C 80 25.38 13.03 41.89
N SER C 81 24.12 12.80 41.57
CA SER C 81 23.73 11.73 40.66
C SER C 81 22.51 12.16 39.88
N GLY C 82 22.36 11.61 38.68
CA GLY C 82 21.23 11.88 37.84
C GLY C 82 20.54 10.60 37.41
N SER C 83 19.26 10.70 37.04
CA SER C 83 18.49 9.54 36.65
C SER C 83 17.32 10.00 35.81
N GLY C 84 16.86 9.11 34.95
CA GLY C 84 15.66 9.39 34.18
C GLY C 84 15.76 8.86 32.76
N SER C 85 14.62 8.91 32.09
CA SER C 85 14.49 8.58 30.67
C SER C 85 13.17 9.17 30.20
N GLY C 86 13.09 9.43 28.90
CA GLY C 86 11.86 9.89 28.30
C GLY C 86 11.49 11.31 28.66
N THR C 87 10.46 11.47 29.48
CA THR C 87 9.94 12.76 29.89
C THR C 87 10.07 13.02 31.38
N SER C 88 10.92 12.30 32.10
CA SER C 88 11.04 12.51 33.54
C SER C 88 12.49 12.30 33.95
N TYR C 89 13.06 13.30 34.62
CA TYR C 89 14.47 13.32 34.93
C TYR C 89 14.66 13.86 36.34
N SER C 90 15.82 13.59 36.91
CA SER C 90 16.02 13.92 38.31
C SER C 90 17.50 14.13 38.62
N LEU C 91 17.77 15.00 39.57
CA LEU C 91 19.10 15.25 40.10
C LEU C 91 19.05 15.12 41.62
N THR C 92 19.97 14.34 42.18
CA THR C 92 19.99 14.08 43.61
C THR C 92 21.36 14.40 44.18
N ILE C 93 21.38 14.84 45.43
CA ILE C 93 22.61 15.00 46.20
C ILE C 93 22.53 14.06 47.39
N SER C 94 23.62 13.33 47.66
CA SER C 94 23.59 12.36 48.75
C SER C 94 23.62 13.07 50.10
N ARG C 95 24.57 13.98 50.30
CA ARG C 95 24.54 14.91 51.42
C ARG C 95 24.90 16.28 50.88
N VAL C 96 24.06 17.27 51.16
CA VAL C 96 24.24 18.57 50.55
C VAL C 96 25.26 19.39 51.33
N GLU C 97 26.26 19.91 50.63
CA GLU C 97 27.23 20.80 51.26
C GLU C 97 26.83 22.25 51.05
N ALA C 98 27.64 23.16 51.60
CA ALA C 98 27.35 24.58 51.50
C ALA C 98 27.73 25.15 50.14
N GLU C 99 28.73 24.57 49.48
CA GLU C 99 29.08 25.02 48.14
C GLU C 99 28.07 24.53 47.10
N ASP C 100 27.25 23.56 47.46
CA ASP C 100 26.17 23.08 46.62
C ASP C 100 24.96 23.97 46.80
N ALA C 101 25.07 25.24 46.42
CA ALA C 101 23.98 26.22 46.61
C ALA C 101 23.96 27.17 45.42
N ALA C 102 23.15 26.81 44.42
CA ALA C 102 23.03 27.61 43.20
C ALA C 102 21.75 27.25 42.50
N THR C 103 21.57 27.80 41.31
CA THR C 103 20.48 27.40 40.44
C THR C 103 20.94 26.25 39.54
N TYR C 104 20.06 25.29 39.32
CA TYR C 104 20.35 24.13 38.49
C TYR C 104 19.38 24.11 37.33
N TYR C 105 19.93 24.09 36.12
CA TYR C 105 19.15 24.14 34.89
C TYR C 105 19.25 22.80 34.16
N CYS C 106 18.11 22.25 33.77
CA CYS C 106 18.07 21.15 32.82
C CYS C 106 17.86 21.71 31.43
N GLN C 107 18.59 21.18 30.45
CA GLN C 107 18.36 21.56 29.07
C GLN C 107 18.37 20.33 28.17
N GLN C 108 17.80 20.51 27.00
CA GLN C 108 17.71 19.47 25.99
C GLN C 108 18.20 20.04 24.67
N TRP C 109 18.66 19.17 23.78
CA TRP C 109 18.94 19.59 22.41
C TRP C 109 18.28 18.68 21.37
N SER C 110 17.33 17.84 21.76
CA SER C 110 16.71 16.93 20.83
C SER C 110 15.79 17.62 19.83
N TYR C 111 15.40 18.85 20.09
CA TYR C 111 14.51 19.58 19.22
C TYR C 111 15.09 20.95 18.95
N ASN C 112 14.75 21.52 17.80
CA ASN C 112 15.08 22.90 17.49
C ASN C 112 13.93 23.78 17.93
N PRO C 113 14.13 24.76 18.83
CA PRO C 113 15.36 25.21 19.47
C PRO C 113 15.74 24.43 20.69
N TYR C 114 17.01 24.55 21.09
CA TYR C 114 17.41 24.03 22.38
C TYR C 114 16.76 24.88 23.45
N THR C 115 16.17 24.23 24.44
CA THR C 115 15.47 24.96 25.48
C THR C 115 16.11 24.65 26.82
N PHE C 116 15.92 25.56 27.76
CA PHE C 116 16.39 25.32 29.15
C PHE C 116 15.18 25.33 30.06
N GLY C 117 15.23 24.57 31.14
CA GLY C 117 14.20 24.61 32.14
C GLY C 117 14.22 25.90 32.91
N GLY C 118 13.18 26.08 33.73
CA GLY C 118 13.02 27.31 34.49
C GLY C 118 14.04 27.49 35.59
N GLY C 119 14.70 26.43 35.99
CA GLY C 119 15.68 26.55 37.05
C GLY C 119 15.11 26.15 38.39
N THR C 120 15.95 25.54 39.21
CA THR C 120 15.60 25.21 40.58
C THR C 120 16.69 25.73 41.49
N LYS C 121 16.33 26.68 42.35
CA LYS C 121 17.29 27.35 43.20
C LYS C 121 17.46 26.58 44.50
N LEU C 122 18.69 26.25 44.85
CA LEU C 122 18.96 25.48 46.05
C LEU C 122 19.49 26.39 47.14
N GLU C 123 18.75 26.46 48.24
CA GLU C 123 19.07 27.29 49.39
C GLU C 123 19.51 26.40 50.54
N ILE C 124 20.52 26.82 51.29
CA ILE C 124 21.05 26.05 52.39
C ILE C 124 20.44 26.60 53.69
N ARG C 125 20.07 25.69 54.59
CA ARG C 125 19.71 26.10 55.94
C ARG C 125 20.95 26.15 56.82
N ARG C 126 20.87 26.91 57.90
CA ARG C 126 22.01 27.11 58.78
C ARG C 126 21.61 26.95 60.25
#